data_9HE5
#
_entry.id   9HE5
#
_cell.length_a   96.246
_cell.length_b   64.326
_cell.length_c   121.576
_cell.angle_alpha   90.000
_cell.angle_beta   106.347
_cell.angle_gamma   90.000
#
_symmetry.space_group_name_H-M   'P 1 21 1'
#
loop_
_entity.id
_entity.type
_entity.pdbx_description
1 polymer 'NADH-quinone oxidoreductase subunit E'
2 polymer 'NADH-quinone oxidoreductase subunit F'
3 non-polymer 'FE2/S2 (INORGANIC) CLUSTER'
4 non-polymer 'SODIUM ION'
5 non-polymer 'SULFATE ION'
6 non-polymer 'FLAVIN MONONUCLEOTIDE'
7 non-polymer 'IRON/SULFUR CLUSTER'
8 water water
#
loop_
_entity_poly.entity_id
_entity_poly.type
_entity_poly.pdbx_seq_one_letter_code
_entity_poly.pdbx_strand_id
1 'polypeptide(L)'
;MFKTEFEFPEELKTKLQEHINYFPKKRQAILLCLHEIQNYYGYIPPESLKPLADMLELPLNHVEGVVAFYDMFDREDKAK
YRIRVCVSIPCHLMGTNKLLKALENILGIKPGEVTPDGKFKIVPVQCLGACSEAPVFMVNDDEYKFESEVQLNEILSRYT
;
A,C
2 'polypeptide(L)'
;MRSYPAIPRIYAETTLNMLLKRAKKPRVHSIDEYLKDGGYQALEKALNMSPEEIIDWVDKSTLRGRGGAGFPTGKKWKFA
VQNPGPRYFICNADESEPGTFKDRIIIERDPHLLIEGIIISSYAIGANEAYIYIRGEYPAGYYILRDAIEEAKKKGFLGK
NILGSGFDLEIYVARGAGAYICGEETALIESLEGKRGHPRLKPPYPVQKGLWGKPTVVNNVETIANVPFIISMGWEEYRY
IGPSDYAGPKLFPVSGKVKKPGVYELPMNTTLREVIFKYAGGTLGNKKVKAVFSGALDCFSSEELDIPMDYSPLGFGGTG
TVIVLTEEDDIVEAALKIAEFYEHETCGQCTPCRVGCYEQANLLEKIYKGEATEQDWEGFDFVNRNIQPTSICGLGAVAG
RLIRQTLEKFPEEWEKYRKKSASLPLAGHHHHHH
;
B,D
#
loop_
_chem_comp.id
_chem_comp.type
_chem_comp.name
_chem_comp.formula
FES non-polymer 'FE2/S2 (INORGANIC) CLUSTER' 'Fe2 S2'
FMN non-polymer 'FLAVIN MONONUCLEOTIDE' 'C17 H21 N4 O9 P'
NA non-polymer 'SODIUM ION' 'Na 1'
SF4 non-polymer 'IRON/SULFUR CLUSTER' 'Fe4 S4'
SO4 non-polymer 'SULFATE ION' 'O4 S -2'
#
# COMPACT_ATOMS: atom_id res chain seq x y z
N PHE A 6 -60.07 -4.54 -8.06
CA PHE A 6 -59.11 -3.43 -8.33
C PHE A 6 -58.10 -3.88 -9.40
N GLU A 7 -57.94 -3.04 -10.42
CA GLU A 7 -56.98 -3.28 -11.50
C GLU A 7 -56.23 -1.99 -11.79
N PHE A 8 -54.94 -2.13 -12.13
CA PHE A 8 -54.12 -0.99 -12.53
C PHE A 8 -54.54 -0.54 -13.92
N PRO A 9 -54.71 0.79 -14.15
CA PRO A 9 -54.81 1.32 -15.52
C PRO A 9 -53.63 0.86 -16.37
N GLU A 10 -53.87 0.73 -17.68
CA GLU A 10 -52.90 0.18 -18.62
C GLU A 10 -51.61 0.97 -18.58
N GLU A 11 -51.71 2.30 -18.49
CA GLU A 11 -50.54 3.17 -18.56
C GLU A 11 -49.65 2.95 -17.34
N LEU A 12 -50.26 2.66 -16.17
CA LEU A 12 -49.50 2.37 -14.96
C LEU A 12 -48.99 0.92 -15.00
N LYS A 13 -49.85 -0.01 -15.40
CA LYS A 13 -49.50 -1.42 -15.45
C LYS A 13 -48.25 -1.63 -16.32
N THR A 14 -48.17 -0.89 -17.43
CA THR A 14 -47.07 -0.98 -18.38
C THR A 14 -45.75 -0.62 -17.70
N LYS A 15 -45.75 0.49 -16.94
CA LYS A 15 -44.56 0.94 -16.23
C LYS A 15 -44.17 -0.05 -15.14
N LEU A 16 -45.14 -0.53 -14.35
CA LEU A 16 -44.87 -1.55 -13.34
C LEU A 16 -44.19 -2.75 -13.99
N GLN A 17 -44.66 -3.13 -15.18
CA GLN A 17 -44.15 -4.31 -15.86
C GLN A 17 -42.70 -4.08 -16.30
N GLU A 18 -42.40 -2.86 -16.74
CA GLU A 18 -41.03 -2.47 -17.07
C GLU A 18 -40.12 -2.68 -15.85
N HIS A 19 -40.55 -2.18 -14.69
CA HIS A 19 -39.76 -2.30 -13.47
C HIS A 19 -39.53 -3.78 -13.14
N ILE A 20 -40.59 -4.58 -13.27
CA ILE A 20 -40.52 -5.98 -12.87
C ILE A 20 -39.59 -6.78 -13.81
N ASN A 21 -39.53 -6.40 -15.08
CA ASN A 21 -38.66 -7.05 -16.05
C ASN A 21 -37.22 -6.53 -15.98
N TYR A 22 -36.98 -5.45 -15.21
CA TYR A 22 -35.70 -4.76 -15.24
C TYR A 22 -34.63 -5.52 -14.48
N PHE A 23 -34.89 -5.92 -13.24
CA PHE A 23 -33.88 -6.64 -12.46
C PHE A 23 -33.90 -8.12 -12.85
N PRO A 24 -32.83 -8.88 -12.53
CA PRO A 24 -32.82 -10.33 -12.78
C PRO A 24 -33.96 -11.10 -12.11
N LYS A 25 -34.43 -10.64 -10.95
CA LYS A 25 -35.57 -11.28 -10.29
C LYS A 25 -36.68 -10.27 -10.05
N LYS A 26 -37.92 -10.73 -10.26
CA LYS A 26 -39.09 -9.87 -10.23
C LYS A 26 -39.21 -9.11 -8.91
N ARG A 27 -38.97 -9.83 -7.80
CA ARG A 27 -39.27 -9.29 -6.48
C ARG A 27 -38.35 -8.12 -6.14
N GLN A 28 -37.23 -7.99 -6.84
CA GLN A 28 -36.30 -6.90 -6.60
C GLN A 28 -36.92 -5.55 -6.98
N ALA A 29 -38.00 -5.55 -7.78
CA ALA A 29 -38.60 -4.32 -8.30
C ALA A 29 -39.64 -3.72 -7.35
N ILE A 30 -39.81 -4.28 -6.15
CA ILE A 30 -40.90 -3.90 -5.27
C ILE A 30 -40.87 -2.41 -4.91
N LEU A 31 -39.69 -1.85 -4.61
CA LEU A 31 -39.64 -0.45 -4.20
C LEU A 31 -39.88 0.48 -5.39
N LEU A 32 -39.33 0.13 -6.56
CA LEU A 32 -39.56 0.91 -7.76
C LEU A 32 -41.05 0.95 -8.08
N CYS A 33 -41.72 -0.22 -7.96
CA CYS A 33 -43.14 -0.33 -8.22
C CYS A 33 -43.93 0.54 -7.24
N LEU A 34 -43.61 0.48 -5.95
CA LEU A 34 -44.34 1.24 -4.96
C LEU A 34 -44.15 2.75 -5.17
N HIS A 35 -42.95 3.18 -5.57
CA HIS A 35 -42.73 4.58 -5.94
C HIS A 35 -43.64 4.97 -7.11
N GLU A 36 -43.73 4.08 -8.10
CA GLU A 36 -44.49 4.33 -9.31
C GLU A 36 -45.97 4.48 -8.96
N ILE A 37 -46.46 3.59 -8.08
CA ILE A 37 -47.85 3.60 -7.63
C ILE A 37 -48.15 4.91 -6.91
N GLN A 38 -47.26 5.32 -6.00
CA GLN A 38 -47.50 6.51 -5.22
C GLN A 38 -47.49 7.75 -6.12
N ASN A 39 -46.60 7.79 -7.11
CA ASN A 39 -46.51 8.94 -7.99
CA ASN A 39 -46.48 8.89 -8.05
C ASN A 39 -47.77 9.02 -8.84
N TYR A 40 -48.39 7.88 -9.15
CA TYR A 40 -49.59 7.85 -9.98
C TYR A 40 -50.82 8.29 -9.18
N TYR A 41 -51.04 7.74 -7.98
CA TYR A 41 -52.28 7.97 -7.25
C TYR A 41 -52.16 9.08 -6.22
N GLY A 42 -50.93 9.50 -5.87
CA GLY A 42 -50.73 10.49 -4.82
C GLY A 42 -50.65 9.86 -3.42
N TYR A 43 -50.70 8.53 -3.38
CA TYR A 43 -50.56 7.72 -2.17
C TYR A 43 -50.53 6.26 -2.63
N ILE A 44 -50.37 5.32 -1.69
CA ILE A 44 -50.46 3.90 -1.97
C ILE A 44 -51.87 3.42 -1.59
N PRO A 45 -52.78 3.18 -2.56
CA PRO A 45 -54.10 2.65 -2.23
C PRO A 45 -53.95 1.26 -1.63
N PRO A 46 -54.53 0.96 -0.44
CA PRO A 46 -54.48 -0.39 0.14
C PRO A 46 -54.90 -1.52 -0.82
N GLU A 47 -55.81 -1.19 -1.75
CA GLU A 47 -56.34 -2.14 -2.72
C GLU A 47 -55.29 -2.53 -3.75
N SER A 48 -54.24 -1.69 -3.91
CA SER A 48 -53.25 -1.89 -4.97
C SER A 48 -52.27 -3.01 -4.62
N LEU A 49 -52.21 -3.39 -3.34
CA LEU A 49 -51.15 -4.25 -2.84
C LEU A 49 -51.33 -5.69 -3.30
N LYS A 50 -52.56 -6.21 -3.29
CA LYS A 50 -52.78 -7.60 -3.70
C LYS A 50 -52.34 -7.80 -5.14
N PRO A 51 -52.82 -6.99 -6.11
CA PRO A 51 -52.41 -7.15 -7.50
C PRO A 51 -50.94 -6.85 -7.77
N LEU A 52 -50.33 -5.97 -6.95
CA LEU A 52 -48.90 -5.75 -7.03
C LEU A 52 -48.18 -7.03 -6.61
N ALA A 53 -48.60 -7.59 -5.47
CA ALA A 53 -48.01 -8.82 -4.95
C ALA A 53 -48.02 -9.91 -6.02
N ASP A 54 -49.13 -10.02 -6.75
CA ASP A 54 -49.29 -11.03 -7.79
C ASP A 54 -48.27 -10.83 -8.92
N MET A 55 -48.05 -9.57 -9.30
CA MET A 55 -47.11 -9.25 -10.36
C MET A 55 -45.67 -9.56 -9.92
N LEU A 56 -45.40 -9.43 -8.61
CA LEU A 56 -44.06 -9.64 -8.08
C LEU A 56 -43.85 -11.11 -7.71
N GLU A 57 -44.94 -11.91 -7.74
CA GLU A 57 -44.92 -13.29 -7.30
C GLU A 57 -44.51 -13.35 -5.83
N LEU A 58 -45.17 -12.53 -5.00
CA LEU A 58 -44.89 -12.46 -3.57
C LEU A 58 -46.19 -12.60 -2.80
N PRO A 59 -46.15 -13.11 -1.55
CA PRO A 59 -47.32 -13.06 -0.66
C PRO A 59 -47.72 -11.63 -0.33
N LEU A 60 -49.03 -11.41 -0.10
CA LEU A 60 -49.57 -10.12 0.23
C LEU A 60 -48.92 -9.56 1.49
N ASN A 61 -48.72 -10.41 2.51
CA ASN A 61 -48.19 -9.95 3.78
C ASN A 61 -46.76 -9.45 3.61
N HIS A 62 -46.02 -10.01 2.64
CA HIS A 62 -44.67 -9.56 2.34
C HIS A 62 -44.72 -8.11 1.86
N VAL A 63 -45.62 -7.84 0.91
CA VAL A 63 -45.76 -6.52 0.33
C VAL A 63 -46.25 -5.52 1.39
N GLU A 64 -47.18 -5.96 2.23
CA GLU A 64 -47.68 -5.13 3.32
C GLU A 64 -46.57 -4.74 4.28
N GLY A 65 -45.72 -5.71 4.64
CA GLY A 65 -44.63 -5.45 5.57
C GLY A 65 -43.62 -4.44 5.01
N VAL A 66 -43.41 -4.52 3.69
CA VAL A 66 -42.47 -3.63 3.02
C VAL A 66 -43.05 -2.21 3.01
N VAL A 67 -44.34 -2.05 2.68
CA VAL A 67 -44.95 -0.74 2.64
C VAL A 67 -44.87 -0.08 4.02
N ALA A 68 -45.08 -0.89 5.07
CA ALA A 68 -45.08 -0.38 6.44
C ALA A 68 -43.68 0.09 6.86
N PHE A 69 -42.65 -0.60 6.38
CA PHE A 69 -41.28 -0.36 6.83
C PHE A 69 -40.72 0.93 6.21
N TYR A 70 -41.04 1.20 4.94
CA TYR A 70 -40.38 2.24 4.19
C TYR A 70 -41.19 3.53 4.27
N ASP A 71 -40.52 4.55 4.82
CA ASP A 71 -41.15 5.76 5.33
C ASP A 71 -41.74 6.60 4.19
N MET A 72 -41.15 6.52 3.00
CA MET A 72 -41.57 7.38 1.90
C MET A 72 -43.02 7.08 1.50
N PHE A 73 -43.49 5.85 1.74
CA PHE A 73 -44.80 5.43 1.27
C PHE A 73 -45.88 5.79 2.29
N ASP A 74 -47.03 6.22 1.76
CA ASP A 74 -48.12 6.77 2.54
C ASP A 74 -49.41 6.07 2.13
N ARG A 75 -49.99 5.29 3.06
CA ARG A 75 -51.21 4.53 2.79
C ARG A 75 -52.47 5.34 3.13
N GLU A 76 -52.33 6.51 3.75
CA GLU A 76 -53.45 7.17 4.41
C GLU A 76 -53.89 8.44 3.68
N ASP A 77 -52.95 9.31 3.30
CA ASP A 77 -53.31 10.61 2.75
C ASP A 77 -52.92 10.73 1.28
N LYS A 78 -53.89 11.13 0.45
CA LYS A 78 -53.63 11.43 -0.95
C LYS A 78 -53.22 12.88 -1.05
N ALA A 79 -52.12 13.16 -1.76
CA ALA A 79 -51.73 14.53 -2.06
C ALA A 79 -51.01 14.58 -3.39
N LYS A 80 -51.28 15.63 -4.17
CA LYS A 80 -50.69 15.77 -5.48
C LYS A 80 -49.19 16.04 -5.32
N TYR A 81 -48.84 16.90 -4.36
CA TYR A 81 -47.46 17.31 -4.12
C TYR A 81 -47.12 17.11 -2.65
N ARG A 82 -46.04 16.35 -2.41
CA ARG A 82 -45.49 16.17 -1.08
C ARG A 82 -44.36 17.17 -0.88
N ILE A 83 -44.55 18.06 0.09
CA ILE A 83 -43.52 19.02 0.48
C ILE A 83 -42.76 18.40 1.64
N ARG A 84 -41.61 17.78 1.31
CA ARG A 84 -40.74 17.16 2.30
C ARG A 84 -39.85 18.24 2.92
N VAL A 85 -39.95 18.42 4.23
CA VAL A 85 -39.20 19.46 4.92
C VAL A 85 -38.22 18.78 5.86
N CYS A 86 -36.95 19.06 5.66
CA CYS A 86 -35.91 18.58 6.56
C CYS A 86 -36.12 19.19 7.96
N VAL A 87 -36.21 18.30 8.95
CA VAL A 87 -36.34 18.70 10.34
C VAL A 87 -35.14 18.17 11.13
N SER A 88 -33.97 18.12 10.46
CA SER A 88 -32.77 17.57 11.09
C SER A 88 -31.78 18.69 11.38
N ILE A 89 -30.52 18.28 11.63
CA ILE A 89 -29.42 19.16 11.99
C ILE A 89 -28.36 19.03 10.90
N PRO A 90 -27.82 20.11 10.29
CA PRO A 90 -28.06 21.50 10.72
C PRO A 90 -29.21 22.36 10.21
N CYS A 91 -30.18 21.80 9.47
CA CYS A 91 -31.28 22.61 8.96
C CYS A 91 -31.91 23.40 10.12
N HIS A 92 -31.96 22.84 11.33
CA HIS A 92 -32.62 23.49 12.46
C HIS A 92 -31.89 24.77 12.87
N LEU A 93 -30.57 24.84 12.66
CA LEU A 93 -29.78 26.02 12.95
C LEU A 93 -30.03 27.11 11.92
N MET A 94 -30.43 26.73 10.71
CA MET A 94 -30.35 27.63 9.56
C MET A 94 -31.73 28.10 9.13
N GLY A 95 -32.79 27.68 9.82
CA GLY A 95 -34.08 28.34 9.68
C GLY A 95 -35.24 27.42 9.27
N THR A 96 -35.17 26.12 9.60
CA THR A 96 -36.33 25.25 9.37
C THR A 96 -37.60 25.90 9.91
N ASN A 97 -37.53 26.46 11.12
CA ASN A 97 -38.68 27.11 11.76
C ASN A 97 -39.29 28.19 10.85
N LYS A 98 -38.44 28.99 10.19
CA LYS A 98 -38.92 30.05 9.30
C LYS A 98 -39.58 29.49 8.05
N LEU A 99 -39.03 28.38 7.52
CA LEU A 99 -39.64 27.68 6.40
C LEU A 99 -41.03 27.17 6.77
N LEU A 100 -41.14 26.54 7.93
CA LEU A 100 -42.42 25.98 8.36
C LEU A 100 -43.44 27.09 8.59
N LYS A 101 -43.01 28.23 9.12
CA LYS A 101 -43.90 29.36 9.33
C LYS A 101 -44.38 29.91 7.99
N ALA A 102 -43.46 30.04 7.02
CA ALA A 102 -43.79 30.53 5.70
C ALA A 102 -44.80 29.61 5.02
N LEU A 103 -44.62 28.29 5.19
CA LEU A 103 -45.53 27.33 4.60
C LEU A 103 -46.92 27.48 5.22
N GLU A 104 -46.98 27.70 6.53
CA GLU A 104 -48.25 27.90 7.21
C GLU A 104 -48.93 29.18 6.70
N ASN A 105 -48.18 30.27 6.53
CA ASN A 105 -48.72 31.51 6.00
C ASN A 105 -49.29 31.31 4.59
N ILE A 106 -48.59 30.56 3.73
CA ILE A 106 -48.98 30.42 2.34
C ILE A 106 -50.11 29.41 2.18
N LEU A 107 -49.99 28.23 2.81
CA LEU A 107 -50.88 27.10 2.53
C LEU A 107 -51.87 26.84 3.66
N GLY A 108 -51.62 27.38 4.86
CA GLY A 108 -52.50 27.21 6.00
C GLY A 108 -52.38 25.83 6.65
N ILE A 109 -51.26 25.12 6.41
CA ILE A 109 -51.09 23.80 6.99
C ILE A 109 -49.76 23.67 7.73
N LYS A 110 -49.74 22.71 8.65
CA LYS A 110 -48.60 22.38 9.49
C LYS A 110 -48.08 21.01 9.08
N PRO A 111 -46.88 20.58 9.56
CA PRO A 111 -46.36 19.23 9.25
C PRO A 111 -47.38 18.13 9.56
N GLY A 112 -47.55 17.21 8.62
CA GLY A 112 -48.46 16.09 8.77
C GLY A 112 -49.81 16.37 8.12
N GLU A 113 -50.09 17.62 7.75
CA GLU A 113 -51.41 17.99 7.26
C GLU A 113 -51.43 18.07 5.74
N VAL A 114 -52.64 17.97 5.18
CA VAL A 114 -52.89 18.11 3.75
C VAL A 114 -53.83 19.30 3.59
N THR A 115 -53.65 20.08 2.51
CA THR A 115 -54.56 21.18 2.22
C THR A 115 -55.94 20.61 1.89
N PRO A 116 -57.05 21.33 2.14
CA PRO A 116 -58.40 20.82 1.87
C PRO A 116 -58.61 20.31 0.44
N ASP A 117 -57.98 20.96 -0.54
CA ASP A 117 -58.09 20.61 -1.94
C ASP A 117 -57.26 19.37 -2.31
N GLY A 118 -56.49 18.81 -1.37
CA GLY A 118 -55.69 17.62 -1.62
C GLY A 118 -54.42 17.92 -2.43
N LYS A 119 -54.05 19.19 -2.53
CA LYS A 119 -52.98 19.59 -3.44
C LYS A 119 -51.61 19.37 -2.79
N PHE A 120 -51.43 19.83 -1.55
CA PHE A 120 -50.13 19.80 -0.90
C PHE A 120 -50.23 19.08 0.44
N LYS A 121 -49.22 18.26 0.75
CA LYS A 121 -49.03 17.72 2.09
C LYS A 121 -47.61 18.04 2.57
N ILE A 122 -47.49 18.51 3.82
CA ILE A 122 -46.17 18.74 4.41
C ILE A 122 -45.75 17.47 5.14
N VAL A 123 -44.58 16.94 4.73
CA VAL A 123 -44.01 15.73 5.28
C VAL A 123 -42.68 16.06 5.94
N PRO A 124 -42.57 15.99 7.29
CA PRO A 124 -41.29 16.20 7.97
C PRO A 124 -40.39 14.99 7.67
N VAL A 125 -39.11 15.25 7.38
CA VAL A 125 -38.20 14.17 7.04
C VAL A 125 -36.86 14.43 7.72
N GLN A 126 -36.07 13.36 7.85
CA GLN A 126 -34.70 13.47 8.33
C GLN A 126 -33.84 14.01 7.20
N CYS A 127 -32.56 14.24 7.49
CA CYS A 127 -31.65 14.93 6.60
C CYS A 127 -31.78 14.49 5.13
N LEU A 128 -31.93 15.48 4.23
CA LEU A 128 -32.11 15.26 2.80
C LEU A 128 -30.77 15.28 2.06
N GLY A 129 -29.66 15.43 2.79
CA GLY A 129 -28.35 15.40 2.16
C GLY A 129 -28.11 16.61 1.27
N ALA A 130 -28.50 17.79 1.76
CA ALA A 130 -28.19 19.03 1.06
C ALA A 130 -27.91 20.13 2.08
N CYS A 131 -27.20 19.76 3.16
CA CYS A 131 -27.15 20.51 4.40
C CYS A 131 -26.50 21.88 4.20
N SER A 132 -25.57 21.98 3.25
CA SER A 132 -24.93 23.24 2.93
C SER A 132 -25.93 24.26 2.39
N GLU A 133 -27.08 23.78 1.91
CA GLU A 133 -28.09 24.63 1.29
C GLU A 133 -29.31 24.71 2.20
N ALA A 134 -29.06 24.62 3.51
CA ALA A 134 -30.12 24.62 4.53
C ALA A 134 -30.78 26.00 4.61
N PRO A 135 -32.10 26.09 4.93
CA PRO A 135 -32.96 24.93 5.17
C PRO A 135 -33.58 24.34 3.89
N VAL A 136 -33.63 23.01 3.82
CA VAL A 136 -33.92 22.31 2.59
C VAL A 136 -35.35 21.80 2.60
N PHE A 137 -35.99 21.85 1.43
CA PHE A 137 -37.25 21.14 1.23
C PHE A 137 -37.31 20.60 -0.19
N MET A 138 -38.20 19.63 -0.39
CA MET A 138 -38.52 19.10 -1.70
C MET A 138 -40.00 19.30 -2.00
N VAL A 139 -40.33 19.46 -3.29
CA VAL A 139 -41.70 19.40 -3.76
C VAL A 139 -41.76 18.25 -4.77
N ASN A 140 -42.34 17.11 -4.37
CA ASN A 140 -42.15 15.82 -5.04
C ASN A 140 -40.66 15.62 -5.28
N ASP A 141 -40.24 15.52 -6.55
CA ASP A 141 -38.86 15.18 -6.88
C ASP A 141 -37.93 16.40 -6.85
N ASP A 142 -38.48 17.62 -6.85
CA ASP A 142 -37.66 18.82 -6.97
C ASP A 142 -37.17 19.25 -5.59
N GLU A 143 -35.93 19.71 -5.50
CA GLU A 143 -35.38 20.09 -4.21
C GLU A 143 -34.86 21.52 -4.26
N TYR A 144 -35.05 22.25 -3.15
CA TYR A 144 -34.74 23.66 -3.06
C TYR A 144 -34.18 24.07 -1.70
N LYS A 145 -33.39 25.16 -1.72
CA LYS A 145 -33.10 25.92 -0.52
C LYS A 145 -34.20 26.96 -0.30
N PHE A 146 -34.69 27.05 0.95
CA PHE A 146 -35.61 28.11 1.35
C PHE A 146 -34.81 29.38 1.65
N GLU A 147 -35.23 30.48 1.02
CA GLU A 147 -34.60 31.79 1.21
C GLU A 147 -35.55 32.71 2.00
N SER A 148 -36.84 32.70 1.68
CA SER A 148 -37.80 33.65 2.21
C SER A 148 -39.21 33.27 1.77
N GLU A 149 -40.22 33.87 2.42
CA GLU A 149 -41.61 33.61 2.06
C GLU A 149 -41.91 34.02 0.61
N VAL A 150 -41.39 35.18 0.18
CA VAL A 150 -41.63 35.66 -1.18
C VAL A 150 -41.08 34.65 -2.17
N GLN A 151 -39.86 34.16 -1.91
CA GLN A 151 -39.20 33.20 -2.80
C GLN A 151 -39.97 31.89 -2.83
N LEU A 152 -40.36 31.39 -1.65
CA LEU A 152 -41.11 30.15 -1.50
C LEU A 152 -42.44 30.23 -2.24
N ASN A 153 -43.13 31.36 -2.09
CA ASN A 153 -44.42 31.56 -2.71
C ASN A 153 -44.31 31.40 -4.23
N GLU A 154 -43.26 32.00 -4.82
CA GLU A 154 -43.01 31.86 -6.25
C GLU A 154 -42.71 30.40 -6.62
N ILE A 155 -41.94 29.68 -5.80
CA ILE A 155 -41.65 28.29 -6.11
C ILE A 155 -42.96 27.50 -6.14
N LEU A 156 -43.81 27.67 -5.12
CA LEU A 156 -45.02 26.88 -4.98
C LEU A 156 -46.01 27.16 -6.11
N SER A 157 -45.99 28.38 -6.65
CA SER A 157 -46.86 28.77 -7.76
C SER A 157 -46.57 27.97 -9.04
N ARG A 158 -45.40 27.32 -9.13
CA ARG A 158 -45.05 26.54 -10.29
C ARG A 158 -45.73 25.18 -10.29
N TYR A 159 -46.30 24.77 -9.14
CA TYR A 159 -47.00 23.51 -9.03
C TYR A 159 -48.50 23.76 -9.09
N THR A 160 -49.14 23.33 -10.18
CA THR A 160 -50.53 23.70 -10.43
C THR A 160 -51.42 22.48 -10.32
N SER B 3 -33.48 16.40 -19.16
CA SER B 3 -34.29 17.12 -18.14
C SER B 3 -34.43 16.32 -16.84
N TYR B 4 -33.99 16.92 -15.74
CA TYR B 4 -33.96 16.26 -14.43
C TYR B 4 -34.67 17.12 -13.41
N PRO B 5 -35.08 16.55 -12.26
CA PRO B 5 -35.64 17.35 -11.16
C PRO B 5 -34.65 18.40 -10.68
N ALA B 6 -35.18 19.47 -10.10
CA ALA B 6 -34.34 20.54 -9.58
C ALA B 6 -33.49 20.01 -8.42
N ILE B 7 -32.22 20.43 -8.37
CA ILE B 7 -31.36 20.15 -7.23
C ILE B 7 -30.61 21.42 -6.82
N PRO B 8 -30.38 21.64 -5.52
CA PRO B 8 -29.66 22.82 -5.06
C PRO B 8 -28.24 22.75 -5.63
N ARG B 9 -27.63 23.91 -5.90
CA ARG B 9 -26.29 23.93 -6.43
C ARG B 9 -25.32 24.02 -5.27
N ILE B 10 -25.04 22.87 -4.66
CA ILE B 10 -24.06 22.78 -3.58
C ILE B 10 -22.72 23.29 -4.07
N TYR B 11 -22.11 24.18 -3.28
CA TYR B 11 -20.78 24.69 -3.57
C TYR B 11 -19.74 23.60 -3.38
N ALA B 12 -18.76 23.53 -4.31
CA ALA B 12 -17.71 22.54 -4.25
C ALA B 12 -16.38 23.17 -4.65
N GLU B 13 -15.33 22.82 -3.88
CA GLU B 13 -14.00 23.39 -4.08
C GLU B 13 -12.96 22.31 -3.87
N THR B 14 -11.87 22.35 -4.65
CA THR B 14 -10.85 21.31 -4.58
C THR B 14 -9.45 21.94 -4.64
N THR B 15 -8.54 21.42 -3.81
CA THR B 15 -7.12 21.74 -3.94
C THR B 15 -6.36 20.63 -4.67
N LEU B 16 -7.04 19.52 -5.01
CA LEU B 16 -6.38 18.37 -5.61
C LEU B 16 -6.79 18.13 -7.06
N ASN B 17 -8.00 18.55 -7.43
CA ASN B 17 -8.51 18.42 -8.79
C ASN B 17 -8.62 16.96 -9.22
N MET B 18 -9.18 16.10 -8.36
CA MET B 18 -9.33 14.68 -8.66
C MET B 18 -10.82 14.35 -8.70
N LEU B 19 -11.41 13.99 -7.55
CA LEU B 19 -12.82 13.62 -7.52
C LEU B 19 -13.70 14.79 -7.96
N LEU B 20 -13.25 16.04 -7.75
CA LEU B 20 -14.06 17.20 -8.09
C LEU B 20 -13.55 17.89 -9.35
N LYS B 21 -12.68 17.22 -10.13
CA LYS B 21 -12.13 17.84 -11.32
C LYS B 21 -13.26 18.39 -12.20
N ARG B 22 -14.35 17.62 -12.34
CA ARG B 22 -15.52 18.04 -13.08
C ARG B 22 -16.64 18.45 -12.13
N ALA B 23 -16.78 17.72 -11.01
CA ALA B 23 -17.89 17.89 -10.09
C ALA B 23 -17.78 19.19 -9.30
N LYS B 24 -16.71 19.97 -9.47
CA LYS B 24 -16.67 21.31 -8.88
C LYS B 24 -17.66 22.23 -9.60
N LYS B 25 -18.13 21.83 -10.79
CA LYS B 25 -19.13 22.59 -11.53
C LYS B 25 -20.50 21.92 -11.35
N PRO B 26 -21.54 22.68 -10.96
CA PRO B 26 -22.81 22.08 -10.57
C PRO B 26 -23.68 21.76 -11.78
N ARG B 27 -23.25 20.77 -12.56
CA ARG B 27 -23.95 20.37 -13.75
C ARG B 27 -23.53 18.93 -14.11
N VAL B 28 -24.40 18.26 -14.85
CA VAL B 28 -24.16 16.90 -15.31
C VAL B 28 -23.10 16.93 -16.42
N HIS B 29 -22.01 16.17 -16.22
CA HIS B 29 -21.01 15.99 -17.26
C HIS B 29 -21.29 14.66 -17.96
N SER B 30 -21.79 14.75 -19.20
CA SER B 30 -22.21 13.58 -19.96
C SER B 30 -21.00 12.92 -20.61
N ILE B 31 -21.23 11.82 -21.32
CA ILE B 31 -20.13 10.93 -21.67
C ILE B 31 -19.16 11.59 -22.64
N ASP B 32 -19.63 12.44 -23.57
CA ASP B 32 -18.72 13.03 -24.54
C ASP B 32 -17.72 13.94 -23.86
N GLU B 33 -18.18 14.75 -22.90
CA GLU B 33 -17.30 15.62 -22.15
C GLU B 33 -16.33 14.78 -21.29
N TYR B 34 -16.85 13.69 -20.70
CA TYR B 34 -16.03 12.82 -19.87
C TYR B 34 -14.90 12.21 -20.71
N LEU B 35 -15.22 11.74 -21.93
CA LEU B 35 -14.25 11.13 -22.83
C LEU B 35 -13.17 12.12 -23.24
N LYS B 36 -13.54 13.40 -23.40
CA LYS B 36 -12.58 14.45 -23.75
C LYS B 36 -11.53 14.65 -22.66
N ASP B 37 -11.88 14.35 -21.39
CA ASP B 37 -10.94 14.42 -20.28
C ASP B 37 -10.14 13.14 -20.11
N GLY B 38 -10.28 12.16 -21.01
CA GLY B 38 -9.55 10.91 -20.86
C GLY B 38 -10.38 9.86 -20.12
N GLY B 39 -11.67 10.13 -19.96
CA GLY B 39 -12.57 9.20 -19.31
C GLY B 39 -12.61 7.84 -20.02
N TYR B 40 -12.75 6.80 -19.19
CA TYR B 40 -12.85 5.40 -19.60
C TYR B 40 -11.50 4.86 -20.07
N GLN B 41 -10.44 5.67 -20.09
CA GLN B 41 -9.14 5.16 -20.49
C GLN B 41 -8.54 4.29 -19.38
N ALA B 42 -8.86 4.58 -18.11
CA ALA B 42 -8.43 3.75 -17.00
C ALA B 42 -9.09 2.37 -17.10
N LEU B 43 -10.36 2.34 -17.52
CA LEU B 43 -11.05 1.08 -17.77
C LEU B 43 -10.32 0.25 -18.82
N GLU B 44 -9.98 0.88 -19.94
CA GLU B 44 -9.31 0.20 -21.04
C GLU B 44 -8.00 -0.39 -20.55
N LYS B 45 -7.26 0.38 -19.76
CA LYS B 45 -6.02 -0.08 -19.15
C LYS B 45 -6.28 -1.25 -18.21
N ALA B 46 -7.32 -1.17 -17.37
CA ALA B 46 -7.65 -2.21 -16.42
C ALA B 46 -7.96 -3.53 -17.12
N LEU B 47 -8.68 -3.47 -18.25
CA LEU B 47 -9.07 -4.68 -18.95
C LEU B 47 -7.88 -5.35 -19.64
N ASN B 48 -6.73 -4.68 -19.74
CA ASN B 48 -5.49 -5.29 -20.17
C ASN B 48 -4.65 -5.79 -18.99
N MET B 49 -5.15 -5.62 -17.77
CA MET B 49 -4.48 -6.16 -16.58
C MET B 49 -5.27 -7.38 -16.12
N SER B 50 -4.64 -8.22 -15.30
CA SER B 50 -5.38 -9.29 -14.67
C SER B 50 -6.20 -8.72 -13.52
N PRO B 51 -7.35 -9.34 -13.18
CA PRO B 51 -8.09 -8.95 -11.98
C PRO B 51 -7.21 -8.89 -10.73
N GLU B 52 -6.29 -9.88 -10.61
CA GLU B 52 -5.43 -9.98 -9.44
C GLU B 52 -4.51 -8.75 -9.35
N GLU B 53 -4.02 -8.28 -10.51
CA GLU B 53 -3.15 -7.11 -10.56
C GLU B 53 -3.91 -5.85 -10.11
N ILE B 54 -5.18 -5.73 -10.51
CA ILE B 54 -5.99 -4.59 -10.11
C ILE B 54 -6.19 -4.58 -8.59
N ILE B 55 -6.49 -5.75 -8.03
CA ILE B 55 -6.63 -5.90 -6.59
C ILE B 55 -5.35 -5.46 -5.91
N ASP B 56 -4.21 -5.90 -6.46
CA ASP B 56 -2.90 -5.58 -5.92
C ASP B 56 -2.67 -4.06 -5.91
N TRP B 57 -3.03 -3.37 -7.00
CA TRP B 57 -2.84 -1.93 -7.08
C TRP B 57 -3.73 -1.23 -6.06
N VAL B 58 -4.98 -1.65 -5.96
CA VAL B 58 -5.91 -1.00 -5.04
C VAL B 58 -5.46 -1.25 -3.59
N ASP B 59 -4.94 -2.44 -3.31
CA ASP B 59 -4.36 -2.74 -2.00
C ASP B 59 -3.17 -1.81 -1.69
N LYS B 60 -2.22 -1.71 -2.62
CA LYS B 60 -1.02 -0.91 -2.39
C LYS B 60 -1.32 0.58 -2.34
N SER B 61 -2.45 1.02 -2.89
CA SER B 61 -2.83 2.42 -2.88
C SER B 61 -3.11 2.91 -1.45
N THR B 62 -3.45 1.97 -0.55
CA THR B 62 -3.87 2.17 0.83
C THR B 62 -5.30 2.71 0.89
N LEU B 63 -6.02 2.74 -0.23
CA LEU B 63 -7.42 3.15 -0.21
C LEU B 63 -8.18 2.41 0.89
N ARG B 64 -8.95 3.18 1.67
CA ARG B 64 -9.85 2.64 2.68
C ARG B 64 -11.27 3.13 2.41
N GLY B 65 -12.24 2.36 2.88
CA GLY B 65 -13.66 2.63 2.72
C GLY B 65 -14.02 4.01 3.24
N ARG B 66 -14.76 4.77 2.41
CA ARG B 66 -15.18 6.13 2.73
C ARG B 66 -16.59 6.17 3.30
N GLY B 67 -17.21 5.02 3.55
CA GLY B 67 -18.56 4.97 4.09
C GLY B 67 -18.63 4.95 5.62
N GLY B 68 -17.51 5.09 6.33
CA GLY B 68 -17.56 5.29 7.77
C GLY B 68 -16.76 4.27 8.57
N ALA B 69 -16.59 3.04 8.05
CA ALA B 69 -15.90 1.99 8.78
C ALA B 69 -14.41 1.92 8.41
N GLY B 70 -14.01 2.48 7.26
CA GLY B 70 -12.60 2.64 6.94
C GLY B 70 -11.87 1.30 6.69
N PHE B 71 -12.58 0.28 6.23
CA PHE B 71 -11.96 -1.00 5.93
C PHE B 71 -11.10 -0.88 4.67
N PRO B 72 -9.85 -1.41 4.67
CA PRO B 72 -9.00 -1.34 3.48
C PRO B 72 -9.65 -2.02 2.28
N THR B 73 -9.74 -1.27 1.17
CA THR B 73 -10.56 -1.70 0.05
C THR B 73 -9.97 -2.93 -0.64
N GLY B 74 -8.67 -2.89 -0.96
CA GLY B 74 -8.03 -4.03 -1.62
C GLY B 74 -8.17 -5.32 -0.82
N LYS B 75 -8.04 -5.22 0.51
CA LYS B 75 -8.16 -6.38 1.38
C LYS B 75 -9.59 -6.93 1.31
N LYS B 76 -10.57 -6.02 1.31
CA LYS B 76 -11.96 -6.47 1.19
C LYS B 76 -12.13 -7.28 -0.11
N TRP B 77 -11.59 -6.77 -1.22
CA TRP B 77 -11.73 -7.43 -2.50
C TRP B 77 -11.04 -8.80 -2.48
N LYS B 78 -9.88 -8.86 -1.84
CA LYS B 78 -9.13 -10.10 -1.73
C LYS B 78 -9.94 -11.16 -1.00
N PHE B 79 -10.61 -10.75 0.09
CA PHE B 79 -11.46 -11.65 0.85
C PHE B 79 -12.56 -12.22 -0.06
N ALA B 80 -13.19 -11.37 -0.90
CA ALA B 80 -14.30 -11.84 -1.71
C ALA B 80 -13.83 -12.89 -2.73
N VAL B 81 -12.66 -12.69 -3.33
CA VAL B 81 -12.23 -13.56 -4.42
C VAL B 81 -11.63 -14.86 -3.88
N GLN B 82 -11.54 -15.02 -2.56
CA GLN B 82 -11.15 -16.30 -1.97
C GLN B 82 -12.30 -17.30 -2.08
N ASN B 83 -13.54 -16.81 -2.22
CA ASN B 83 -14.74 -17.62 -2.29
C ASN B 83 -15.16 -17.78 -3.75
N PRO B 84 -15.69 -18.96 -4.17
CA PRO B 84 -16.05 -19.18 -5.58
C PRO B 84 -17.24 -18.32 -6.02
N GLY B 85 -17.23 -17.97 -7.31
CA GLY B 85 -18.26 -17.15 -7.92
C GLY B 85 -19.55 -17.93 -8.13
N PRO B 86 -20.63 -17.31 -8.65
CA PRO B 86 -20.62 -15.90 -9.06
C PRO B 86 -20.53 -14.93 -7.88
N ARG B 87 -20.06 -13.72 -8.16
CA ARG B 87 -19.93 -12.69 -7.15
C ARG B 87 -20.68 -11.44 -7.60
N TYR B 88 -20.99 -10.55 -6.65
CA TYR B 88 -21.75 -9.36 -6.92
C TYR B 88 -21.00 -8.15 -6.40
N PHE B 89 -21.14 -7.03 -7.11
CA PHE B 89 -20.58 -5.77 -6.67
C PHE B 89 -21.72 -4.79 -6.45
N ILE B 90 -21.68 -4.06 -5.34
CA ILE B 90 -22.71 -3.08 -5.00
C ILE B 90 -22.05 -1.75 -4.65
N CYS B 91 -22.56 -0.70 -5.29
CA CYS B 91 -22.25 0.67 -4.95
C CYS B 91 -23.29 1.18 -3.95
N ASN B 92 -22.82 1.59 -2.77
CA ASN B 92 -23.69 2.13 -1.75
C ASN B 92 -23.85 3.64 -1.92
N ALA B 93 -25.01 4.05 -2.45
CA ALA B 93 -25.34 5.47 -2.62
C ALA B 93 -26.51 5.86 -1.71
N ASP B 94 -26.56 5.28 -0.50
CA ASP B 94 -27.66 5.52 0.40
C ASP B 94 -27.49 6.80 1.24
N GLU B 95 -26.28 7.40 1.22
CA GLU B 95 -25.90 8.61 1.95
C GLU B 95 -27.08 9.33 2.61
N SER B 96 -27.30 9.10 3.92
CA SER B 96 -28.45 9.63 4.62
C SER B 96 -28.12 10.15 6.03
N GLU B 97 -26.84 10.23 6.39
CA GLU B 97 -26.45 10.69 7.73
C GLU B 97 -26.51 12.21 7.77
N PRO B 98 -27.06 12.83 8.85
CA PRO B 98 -27.04 14.29 9.01
C PRO B 98 -25.69 14.91 8.65
N GLY B 99 -25.73 15.91 7.77
CA GLY B 99 -24.52 16.65 7.41
C GLY B 99 -23.80 16.06 6.21
N THR B 100 -24.20 14.88 5.73
CA THR B 100 -23.38 14.20 4.74
C THR B 100 -24.01 14.36 3.36
N PHE B 101 -23.31 15.09 2.49
CA PHE B 101 -23.79 15.30 1.13
C PHE B 101 -22.63 15.24 0.12
N LYS B 102 -21.57 14.51 0.47
CA LYS B 102 -20.40 14.38 -0.39
C LYS B 102 -20.66 13.48 -1.61
N ASP B 103 -21.39 12.37 -1.42
CA ASP B 103 -21.55 11.38 -2.47
C ASP B 103 -22.43 11.92 -3.61
N ARG B 104 -23.46 12.69 -3.26
CA ARG B 104 -24.42 13.11 -4.26
C ARG B 104 -23.77 13.97 -5.33
N ILE B 105 -22.72 14.73 -5.00
CA ILE B 105 -22.23 15.62 -6.03
C ILE B 105 -21.41 14.84 -7.06
N ILE B 106 -20.83 13.69 -6.68
CA ILE B 106 -20.22 12.80 -7.66
C ILE B 106 -21.31 12.24 -8.57
N ILE B 107 -22.37 11.69 -7.96
CA ILE B 107 -23.43 11.04 -8.71
C ILE B 107 -24.05 12.00 -9.73
N GLU B 108 -24.35 13.23 -9.30
CA GLU B 108 -25.19 14.15 -10.05
C GLU B 108 -24.37 14.90 -11.10
N ARG B 109 -23.05 15.01 -10.91
CA ARG B 109 -22.25 15.87 -11.75
C ARG B 109 -21.25 15.09 -12.59
N ASP B 110 -20.69 14.00 -12.03
CA ASP B 110 -19.68 13.22 -12.73
C ASP B 110 -20.04 11.73 -12.66
N PRO B 111 -21.26 11.34 -13.09
CA PRO B 111 -21.69 9.95 -12.97
C PRO B 111 -20.74 8.95 -13.64
N HIS B 112 -20.05 9.36 -14.71
CA HIS B 112 -19.19 8.43 -15.43
C HIS B 112 -17.94 8.07 -14.62
N LEU B 113 -17.53 8.96 -13.72
CA LEU B 113 -16.42 8.65 -12.82
C LEU B 113 -16.80 7.46 -11.94
N LEU B 114 -18.01 7.50 -11.38
CA LEU B 114 -18.55 6.41 -10.58
C LEU B 114 -18.74 5.15 -11.43
N ILE B 115 -19.32 5.29 -12.63
CA ILE B 115 -19.59 4.13 -13.46
C ILE B 115 -18.26 3.45 -13.84
N GLU B 116 -17.27 4.25 -14.26
CA GLU B 116 -15.97 3.71 -14.60
C GLU B 116 -15.36 2.93 -13.41
N GLY B 117 -15.46 3.49 -12.21
CA GLY B 117 -15.00 2.82 -11.01
C GLY B 117 -15.73 1.50 -10.76
N ILE B 118 -17.05 1.50 -10.96
CA ILE B 118 -17.85 0.30 -10.77
C ILE B 118 -17.39 -0.79 -11.74
N ILE B 119 -17.13 -0.45 -13.00
CA ILE B 119 -16.79 -1.44 -14.00
C ILE B 119 -15.43 -2.06 -13.63
N ILE B 120 -14.44 -1.21 -13.32
CA ILE B 120 -13.12 -1.68 -12.95
C ILE B 120 -13.22 -2.57 -11.72
N SER B 121 -13.95 -2.13 -10.68
CA SER B 121 -14.05 -2.87 -9.42
C SER B 121 -14.71 -4.24 -9.66
N SER B 122 -15.76 -4.24 -10.48
CA SER B 122 -16.49 -5.46 -10.82
C SER B 122 -15.58 -6.44 -11.53
N TYR B 123 -14.78 -5.93 -12.50
CA TYR B 123 -13.84 -6.77 -13.19
C TYR B 123 -12.83 -7.39 -12.21
N ALA B 124 -12.34 -6.56 -11.29
CA ALA B 124 -11.34 -7.00 -10.32
C ALA B 124 -11.85 -8.18 -9.49
N ILE B 125 -13.15 -8.22 -9.15
CA ILE B 125 -13.64 -9.27 -8.27
C ILE B 125 -14.41 -10.33 -9.04
N GLY B 126 -14.53 -10.18 -10.37
CA GLY B 126 -15.16 -11.16 -11.23
C GLY B 126 -16.68 -11.14 -11.14
N ALA B 127 -17.25 -9.97 -10.87
CA ALA B 127 -18.70 -9.82 -10.79
C ALA B 127 -19.22 -9.39 -12.16
N ASN B 128 -20.28 -10.07 -12.64
CA ASN B 128 -20.88 -9.77 -13.92
C ASN B 128 -22.21 -9.02 -13.74
N GLU B 129 -22.60 -8.82 -12.47
CA GLU B 129 -23.79 -8.07 -12.14
C GLU B 129 -23.42 -7.10 -11.01
N ALA B 130 -23.67 -5.82 -11.26
CA ALA B 130 -23.43 -4.79 -10.27
C ALA B 130 -24.68 -3.96 -10.03
N TYR B 131 -24.74 -3.39 -8.83
CA TYR B 131 -25.89 -2.61 -8.42
C TYR B 131 -25.44 -1.28 -7.84
N ILE B 132 -26.21 -0.24 -8.11
CA ILE B 132 -26.17 1.01 -7.37
C ILE B 132 -27.45 1.09 -6.56
N TYR B 133 -27.34 1.24 -5.24
CA TYR B 133 -28.49 1.44 -4.40
C TYR B 133 -28.47 2.90 -3.95
N ILE B 134 -29.39 3.70 -4.51
CA ILE B 134 -29.41 5.13 -4.24
C ILE B 134 -30.65 5.45 -3.41
N ARG B 135 -30.48 6.32 -2.39
CA ARG B 135 -31.58 6.66 -1.52
C ARG B 135 -32.72 7.25 -2.34
N GLY B 136 -33.95 7.03 -1.85
CA GLY B 136 -35.14 7.46 -2.55
C GLY B 136 -35.24 8.98 -2.67
N GLU B 137 -34.60 9.71 -1.74
CA GLU B 137 -34.69 11.17 -1.71
C GLU B 137 -33.68 11.80 -2.66
N TYR B 138 -32.98 10.99 -3.46
CA TYR B 138 -32.11 11.47 -4.51
C TYR B 138 -32.69 11.06 -5.87
N PRO B 139 -33.89 11.55 -6.25
CA PRO B 139 -34.47 11.20 -7.56
C PRO B 139 -33.66 11.66 -8.75
N ALA B 140 -33.06 12.86 -8.68
CA ALA B 140 -32.28 13.37 -9.80
C ALA B 140 -31.08 12.45 -10.03
N GLY B 141 -30.41 12.07 -8.93
CA GLY B 141 -29.28 11.18 -9.00
C GLY B 141 -29.65 9.87 -9.68
N TYR B 142 -30.81 9.32 -9.32
CA TYR B 142 -31.29 8.09 -9.93
C TYR B 142 -31.46 8.23 -11.46
N TYR B 143 -32.13 9.30 -11.92
CA TYR B 143 -32.38 9.51 -13.34
C TYR B 143 -31.07 9.77 -14.08
N ILE B 144 -30.17 10.53 -13.45
CA ILE B 144 -28.88 10.83 -14.04
C ILE B 144 -28.08 9.54 -14.22
N LEU B 145 -28.08 8.66 -13.21
CA LEU B 145 -27.33 7.41 -13.28
C LEU B 145 -27.91 6.50 -14.35
N ARG B 146 -29.24 6.37 -14.41
CA ARG B 146 -29.88 5.54 -15.42
C ARG B 146 -29.48 5.99 -16.82
N ASP B 147 -29.50 7.30 -17.07
CA ASP B 147 -29.11 7.85 -18.36
C ASP B 147 -27.62 7.65 -18.63
N ALA B 148 -26.76 7.83 -17.61
CA ALA B 148 -25.33 7.68 -17.82
C ALA B 148 -25.00 6.24 -18.17
N ILE B 149 -25.67 5.29 -17.52
CA ILE B 149 -25.43 3.88 -17.77
C ILE B 149 -25.79 3.55 -19.22
N GLU B 150 -26.92 4.09 -19.71
CA GLU B 150 -27.30 3.88 -21.10
C GLU B 150 -26.27 4.49 -22.04
N GLU B 151 -25.73 5.69 -21.73
CA GLU B 151 -24.65 6.27 -22.51
C GLU B 151 -23.46 5.32 -22.60
N ALA B 152 -23.07 4.74 -21.46
CA ALA B 152 -21.90 3.88 -21.39
C ALA B 152 -22.15 2.60 -22.20
N LYS B 153 -23.37 2.07 -22.12
CA LYS B 153 -23.72 0.87 -22.86
C LYS B 153 -23.60 1.12 -24.37
N LYS B 154 -24.08 2.27 -24.84
CA LYS B 154 -24.03 2.63 -26.25
C LYS B 154 -22.60 2.81 -26.74
N LYS B 155 -21.68 3.19 -25.85
CA LYS B 155 -20.28 3.36 -26.23
C LYS B 155 -19.52 2.04 -26.09
N GLY B 156 -20.20 0.97 -25.64
CA GLY B 156 -19.59 -0.35 -25.52
C GLY B 156 -18.81 -0.57 -24.22
N PHE B 157 -19.09 0.20 -23.14
CA PHE B 157 -18.36 0.04 -21.88
C PHE B 157 -19.09 -0.91 -20.92
N LEU B 158 -20.31 -1.28 -21.27
CA LEU B 158 -21.13 -2.23 -20.53
C LEU B 158 -21.73 -3.21 -21.53
N GLY B 159 -22.24 -4.32 -21.00
CA GLY B 159 -22.80 -5.39 -21.80
C GLY B 159 -21.89 -6.61 -21.80
N LYS B 160 -21.99 -7.44 -22.86
CA LYS B 160 -21.16 -8.63 -22.97
C LYS B 160 -19.86 -8.29 -23.68
N ASN B 161 -18.76 -8.97 -23.30
CA ASN B 161 -17.50 -8.94 -24.02
C ASN B 161 -17.03 -7.49 -24.18
N ILE B 162 -16.91 -6.80 -23.04
CA ILE B 162 -16.64 -5.38 -23.04
C ILE B 162 -15.27 -5.13 -23.66
N LEU B 163 -15.28 -4.34 -24.76
CA LEU B 163 -14.07 -3.93 -25.47
C LEU B 163 -13.22 -5.13 -25.88
N GLY B 164 -13.86 -6.28 -26.11
CA GLY B 164 -13.15 -7.46 -26.61
C GLY B 164 -12.46 -8.24 -25.49
N SER B 165 -12.76 -7.91 -24.22
CA SER B 165 -12.03 -8.46 -23.08
C SER B 165 -12.56 -9.81 -22.64
N GLY B 166 -13.77 -10.18 -23.08
CA GLY B 166 -14.43 -11.37 -22.55
C GLY B 166 -15.12 -11.13 -21.20
N PHE B 167 -15.07 -9.89 -20.69
CA PHE B 167 -15.72 -9.55 -19.44
C PHE B 167 -17.11 -8.99 -19.71
N ASP B 168 -18.11 -9.55 -19.01
CA ASP B 168 -19.50 -9.12 -19.13
C ASP B 168 -19.93 -8.35 -17.88
N LEU B 169 -20.67 -7.26 -18.05
CA LEU B 169 -21.25 -6.56 -16.90
C LEU B 169 -22.53 -5.84 -17.29
N GLU B 170 -23.52 -5.92 -16.38
CA GLU B 170 -24.66 -5.01 -16.36
C GLU B 170 -24.69 -4.31 -14.99
N ILE B 171 -25.08 -3.02 -15.00
CA ILE B 171 -25.25 -2.26 -13.77
C ILE B 171 -26.72 -1.91 -13.62
N TYR B 172 -27.32 -2.37 -12.53
CA TYR B 172 -28.72 -2.08 -12.21
C TYR B 172 -28.80 -0.99 -11.15
N VAL B 173 -29.81 -0.12 -11.27
CA VAL B 173 -29.99 0.94 -10.28
C VAL B 173 -31.26 0.68 -9.49
N ALA B 174 -31.08 0.48 -8.18
CA ALA B 174 -32.15 0.33 -7.21
C ALA B 174 -32.35 1.64 -6.44
N ARG B 175 -33.58 1.86 -5.96
CA ARG B 175 -33.90 3.05 -5.17
C ARG B 175 -34.34 2.62 -3.78
N GLY B 176 -33.83 3.34 -2.76
CA GLY B 176 -34.36 3.21 -1.42
C GLY B 176 -35.71 3.91 -1.30
N ALA B 177 -36.30 3.86 -0.10
CA ALA B 177 -37.62 4.41 0.13
C ALA B 177 -37.77 4.95 1.55
N GLY B 178 -36.69 5.55 2.09
CA GLY B 178 -36.81 6.44 3.23
C GLY B 178 -36.11 5.94 4.51
N ALA B 179 -35.31 4.88 4.45
CA ALA B 179 -34.75 4.27 5.65
C ALA B 179 -33.23 4.40 5.67
N TYR B 180 -32.70 5.17 6.63
CA TYR B 180 -31.26 5.31 6.82
C TYR B 180 -30.59 3.97 7.04
N ILE B 181 -31.29 3.02 7.68
CA ILE B 181 -30.67 1.75 7.99
C ILE B 181 -30.30 1.00 6.71
N CYS B 182 -30.88 1.34 5.55
CA CYS B 182 -30.59 0.65 4.31
C CYS B 182 -29.18 0.97 3.79
N GLY B 183 -28.48 1.91 4.43
CA GLY B 183 -27.07 2.13 4.15
C GLY B 183 -26.15 1.12 4.84
N GLU B 184 -26.65 0.45 5.89
CA GLU B 184 -25.91 -0.65 6.51
C GLU B 184 -25.86 -1.80 5.49
N GLU B 185 -24.67 -2.32 5.24
CA GLU B 185 -24.42 -3.13 4.05
C GLU B 185 -25.31 -4.39 3.99
N THR B 186 -25.62 -5.02 5.13
CA THR B 186 -26.46 -6.23 5.08
C THR B 186 -27.93 -5.84 4.93
N ALA B 187 -28.35 -4.71 5.51
CA ALA B 187 -29.71 -4.21 5.32
C ALA B 187 -29.93 -3.80 3.86
N LEU B 188 -28.91 -3.19 3.25
CA LEU B 188 -28.94 -2.81 1.85
C LEU B 188 -29.19 -4.06 0.99
N ILE B 189 -28.46 -5.14 1.29
CA ILE B 189 -28.60 -6.39 0.55
C ILE B 189 -30.01 -6.95 0.71
N GLU B 190 -30.55 -6.93 1.95
CA GLU B 190 -31.92 -7.34 2.16
C GLU B 190 -32.88 -6.55 1.28
N SER B 191 -32.66 -5.23 1.19
CA SER B 191 -33.55 -4.38 0.42
C SER B 191 -33.44 -4.70 -1.07
N LEU B 192 -32.22 -4.96 -1.56
CA LEU B 192 -32.01 -5.37 -2.94
C LEU B 192 -32.74 -6.68 -3.25
N GLU B 193 -32.91 -7.53 -2.24
CA GLU B 193 -33.60 -8.81 -2.38
C GLU B 193 -35.11 -8.63 -2.29
N GLY B 194 -35.57 -7.37 -2.15
CA GLY B 194 -36.98 -7.05 -2.17
C GLY B 194 -37.66 -7.18 -0.80
N LYS B 195 -36.85 -7.11 0.26
CA LYS B 195 -37.32 -7.28 1.62
C LYS B 195 -37.20 -5.97 2.41
N ARG B 196 -37.73 -6.01 3.64
CA ARG B 196 -37.50 -4.94 4.59
C ARG B 196 -36.00 -4.85 4.86
N GLY B 197 -35.52 -3.62 5.04
CA GLY B 197 -34.11 -3.36 5.26
C GLY B 197 -33.69 -3.64 6.70
N HIS B 198 -33.66 -4.93 7.07
CA HIS B 198 -33.21 -5.36 8.38
C HIS B 198 -31.79 -5.89 8.28
N PRO B 199 -30.81 -5.34 9.03
CA PRO B 199 -29.47 -5.90 9.07
C PRO B 199 -29.47 -7.38 9.45
N ARG B 200 -28.45 -8.09 8.95
CA ARG B 200 -28.24 -9.49 9.24
C ARG B 200 -27.21 -9.63 10.36
N LEU B 201 -27.38 -10.67 11.18
CA LEU B 201 -26.32 -11.12 12.07
C LEU B 201 -25.07 -11.39 11.25
N LYS B 202 -23.95 -10.85 11.73
CA LYS B 202 -22.64 -11.08 11.16
C LYS B 202 -21.75 -11.67 12.26
N PRO B 203 -20.86 -12.66 11.99
CA PRO B 203 -20.73 -13.32 10.69
C PRO B 203 -21.92 -14.20 10.32
N PRO B 204 -22.07 -14.65 9.05
CA PRO B 204 -21.13 -14.32 7.96
C PRO B 204 -21.12 -12.87 7.49
N TYR B 205 -20.02 -12.47 6.83
CA TYR B 205 -19.89 -11.15 6.24
C TYR B 205 -20.26 -11.23 4.76
N PRO B 206 -20.68 -10.09 4.15
CA PRO B 206 -21.08 -10.08 2.75
C PRO B 206 -20.08 -10.68 1.77
N VAL B 207 -18.78 -10.46 2.01
CA VAL B 207 -17.73 -10.94 1.13
C VAL B 207 -17.76 -12.46 1.04
N GLN B 208 -18.35 -13.13 2.05
CA GLN B 208 -18.52 -14.58 2.02
C GLN B 208 -19.93 -14.90 1.55
N LYS B 209 -20.94 -14.35 2.24
CA LYS B 209 -22.35 -14.61 1.93
C LYS B 209 -23.13 -13.30 1.95
N GLY B 210 -23.57 -12.85 0.77
CA GLY B 210 -24.21 -11.55 0.62
C GLY B 210 -25.50 -11.65 -0.19
N LEU B 211 -25.50 -11.02 -1.37
CA LEU B 211 -26.68 -11.03 -2.23
C LEU B 211 -26.94 -12.45 -2.72
N TRP B 212 -28.14 -12.96 -2.47
CA TRP B 212 -28.52 -14.33 -2.77
C TRP B 212 -27.53 -15.32 -2.16
N GLY B 213 -26.88 -14.93 -1.05
CA GLY B 213 -25.96 -15.80 -0.34
C GLY B 213 -24.60 -15.95 -1.02
N LYS B 214 -24.32 -15.12 -2.04
CA LYS B 214 -23.09 -15.21 -2.80
C LYS B 214 -22.11 -14.15 -2.34
N PRO B 215 -20.80 -14.33 -2.62
CA PRO B 215 -19.80 -13.31 -2.30
C PRO B 215 -20.14 -11.96 -2.92
N THR B 216 -20.19 -10.94 -2.05
CA THR B 216 -20.67 -9.61 -2.40
C THR B 216 -19.75 -8.57 -1.79
N VAL B 217 -19.20 -7.70 -2.65
CA VAL B 217 -18.49 -6.51 -2.20
C VAL B 217 -19.42 -5.30 -2.26
N VAL B 218 -19.57 -4.64 -1.10
CA VAL B 218 -20.26 -3.36 -1.02
C VAL B 218 -19.19 -2.29 -0.79
N ASN B 219 -19.20 -1.26 -1.64
CA ASN B 219 -18.35 -0.10 -1.47
C ASN B 219 -19.17 1.19 -1.60
N ASN B 220 -18.72 2.20 -0.86
CA ASN B 220 -19.28 3.55 -0.89
C ASN B 220 -18.94 4.25 -2.20
N VAL B 221 -19.84 5.14 -2.65
CA VAL B 221 -19.65 5.98 -3.84
C VAL B 221 -18.26 6.59 -3.90
N GLU B 222 -17.85 7.27 -2.81
CA GLU B 222 -16.58 7.99 -2.82
C GLU B 222 -15.39 7.03 -2.96
N THR B 223 -15.46 5.89 -2.25
CA THR B 223 -14.44 4.85 -2.35
C THR B 223 -14.24 4.46 -3.83
N ILE B 224 -15.36 4.16 -4.49
CA ILE B 224 -15.32 3.67 -5.86
C ILE B 224 -14.76 4.74 -6.80
N ALA B 225 -15.07 6.02 -6.53
CA ALA B 225 -14.64 7.11 -7.38
C ALA B 225 -13.11 7.25 -7.34
N ASN B 226 -12.43 6.70 -6.32
CA ASN B 226 -10.97 6.70 -6.27
C ASN B 226 -10.34 5.69 -7.25
N VAL B 227 -11.08 4.63 -7.61
CA VAL B 227 -10.49 3.51 -8.34
C VAL B 227 -9.97 3.93 -9.72
N PRO B 228 -10.70 4.73 -10.54
CA PRO B 228 -10.15 5.17 -11.82
C PRO B 228 -8.82 5.91 -11.70
N PHE B 229 -8.66 6.71 -10.63
CA PHE B 229 -7.44 7.45 -10.38
C PHE B 229 -6.28 6.51 -10.07
N ILE B 230 -6.53 5.47 -9.27
CA ILE B 230 -5.49 4.50 -8.93
C ILE B 230 -4.97 3.82 -10.21
N ILE B 231 -5.89 3.41 -11.09
CA ILE B 231 -5.50 2.75 -12.33
C ILE B 231 -4.83 3.74 -13.29
N SER B 232 -5.41 4.93 -13.47
CA SER B 232 -4.88 5.94 -14.37
C SER B 232 -3.47 6.37 -13.96
N MET B 233 -3.29 6.71 -12.68
CA MET B 233 -2.06 7.30 -12.19
C MET B 233 -1.03 6.22 -11.83
N GLY B 234 -1.50 5.02 -11.52
CA GLY B 234 -0.68 4.01 -10.85
C GLY B 234 -0.72 4.23 -9.34
N TRP B 235 -0.50 3.15 -8.57
CA TRP B 235 -0.70 3.25 -7.14
C TRP B 235 0.37 4.10 -6.47
N GLU B 236 1.58 4.17 -7.05
CA GLU B 236 2.64 4.96 -6.45
C GLU B 236 2.26 6.44 -6.51
N GLU B 237 1.88 6.92 -7.71
CA GLU B 237 1.54 8.31 -7.88
C GLU B 237 0.37 8.69 -6.99
N TYR B 238 -0.61 7.79 -6.85
CA TYR B 238 -1.74 8.01 -5.98
C TYR B 238 -1.27 8.20 -4.53
N ARG B 239 -0.28 7.40 -4.13
CA ARG B 239 0.20 7.46 -2.77
C ARG B 239 0.96 8.74 -2.45
N TYR B 240 1.35 9.52 -3.48
CA TYR B 240 2.07 10.76 -3.25
C TYR B 240 1.10 11.89 -2.92
N ILE B 241 -0.20 11.66 -3.12
CA ILE B 241 -1.22 12.64 -2.79
C ILE B 241 -1.41 12.66 -1.27
N GLY B 242 -1.20 13.83 -0.66
CA GLY B 242 -1.46 14.00 0.75
C GLY B 242 -0.29 13.47 1.59
N PRO B 243 -0.47 13.28 2.92
CA PRO B 243 0.60 12.77 3.77
C PRO B 243 0.85 11.28 3.55
N SER B 244 2.10 10.84 3.78
CA SER B 244 2.51 9.45 3.54
C SER B 244 1.56 8.43 4.16
N ASP B 245 1.15 8.67 5.41
CA ASP B 245 0.42 7.68 6.19
C ASP B 245 -1.07 7.62 5.88
N TYR B 246 -1.62 8.71 5.27
CA TYR B 246 -3.04 8.79 4.94
C TYR B 246 -3.21 9.44 3.57
N ALA B 247 -2.82 8.71 2.53
CA ALA B 247 -2.71 9.30 1.21
C ALA B 247 -4.05 9.23 0.46
N GLY B 248 -4.18 10.12 -0.53
CA GLY B 248 -5.34 10.13 -1.41
C GLY B 248 -6.24 11.33 -1.13
N PRO B 249 -7.12 11.68 -2.09
CA PRO B 249 -8.06 12.78 -1.90
C PRO B 249 -9.20 12.34 -0.99
N LYS B 250 -9.76 13.31 -0.28
CA LYS B 250 -10.93 13.07 0.55
C LYS B 250 -11.90 14.23 0.38
N LEU B 251 -13.20 13.89 0.42
CA LEU B 251 -14.26 14.89 0.36
C LEU B 251 -14.74 15.20 1.78
N PHE B 252 -14.89 16.48 2.07
CA PHE B 252 -15.37 16.96 3.36
C PHE B 252 -16.62 17.80 3.13
N PRO B 253 -17.82 17.29 3.46
CA PRO B 253 -19.03 18.10 3.45
C PRO B 253 -19.10 18.93 4.72
N VAL B 254 -19.13 20.26 4.53
CA VAL B 254 -19.05 21.21 5.62
C VAL B 254 -20.34 22.02 5.64
N SER B 255 -21.00 22.03 6.80
CA SER B 255 -22.27 22.73 6.94
C SER B 255 -22.37 23.40 8.30
N GLY B 256 -23.54 24.00 8.53
CA GLY B 256 -23.81 24.79 9.71
C GLY B 256 -23.25 26.21 9.56
N LYS B 257 -22.66 26.72 10.64
CA LYS B 257 -22.44 28.15 10.79
C LYS B 257 -21.11 28.59 10.18
N VAL B 258 -20.86 28.21 8.92
CA VAL B 258 -19.66 28.65 8.22
C VAL B 258 -20.10 29.60 7.10
N LYS B 259 -19.17 30.42 6.61
CA LYS B 259 -19.48 31.37 5.54
C LYS B 259 -19.64 30.68 4.19
N LYS B 260 -18.86 29.63 3.93
CA LYS B 260 -18.87 28.93 2.65
C LYS B 260 -19.16 27.44 2.84
N PRO B 261 -20.40 27.07 3.20
CA PRO B 261 -20.73 25.65 3.35
C PRO B 261 -20.65 25.00 1.97
N GLY B 262 -20.19 23.74 1.96
CA GLY B 262 -20.14 22.97 0.73
C GLY B 262 -19.20 21.78 0.91
N VAL B 263 -18.78 21.22 -0.23
CA VAL B 263 -17.93 20.04 -0.25
C VAL B 263 -16.53 20.46 -0.66
N TYR B 264 -15.54 20.10 0.15
CA TYR B 264 -14.15 20.44 -0.09
C TYR B 264 -13.36 19.15 -0.32
N GLU B 265 -12.62 19.13 -1.43
CA GLU B 265 -11.68 18.05 -1.70
C GLU B 265 -10.30 18.50 -1.25
N LEU B 266 -9.79 17.82 -0.23
CA LEU B 266 -8.60 18.21 0.52
C LEU B 266 -7.78 16.97 0.87
N PRO B 267 -6.46 17.13 1.10
CA PRO B 267 -5.62 16.04 1.62
C PRO B 267 -5.88 15.86 3.10
N MET B 268 -5.58 14.66 3.61
CA MET B 268 -5.98 14.30 4.97
C MET B 268 -5.01 14.81 6.05
N ASN B 269 -3.98 15.60 5.68
CA ASN B 269 -3.16 16.30 6.67
C ASN B 269 -3.78 17.65 7.03
N THR B 270 -4.83 18.06 6.31
CA THR B 270 -5.58 19.25 6.66
C THR B 270 -6.11 19.11 8.09
N THR B 271 -6.12 20.20 8.87
CA THR B 271 -6.70 20.14 10.20
C THR B 271 -8.16 20.61 10.17
N LEU B 272 -8.89 20.24 11.21
CA LEU B 272 -10.27 20.67 11.35
C LEU B 272 -10.34 22.20 11.34
N ARG B 273 -9.37 22.86 12.00
CA ARG B 273 -9.34 24.31 12.05
C ARG B 273 -9.22 24.88 10.63
N GLU B 274 -8.32 24.31 9.82
CA GLU B 274 -8.13 24.75 8.45
C GLU B 274 -9.40 24.55 7.62
N VAL B 275 -10.06 23.41 7.78
CA VAL B 275 -11.30 23.16 7.06
C VAL B 275 -12.25 24.34 7.31
N ILE B 276 -12.42 24.70 8.57
CA ILE B 276 -13.41 25.71 8.93
C ILE B 276 -12.93 27.10 8.48
N PHE B 277 -11.68 27.45 8.79
CA PHE B 277 -11.24 28.83 8.72
C PHE B 277 -10.49 29.13 7.43
N LYS B 278 -9.65 28.21 6.96
CA LYS B 278 -8.89 28.44 5.75
C LYS B 278 -9.74 28.17 4.50
N TYR B 279 -10.56 27.11 4.51
CA TYR B 279 -11.31 26.72 3.33
C TYR B 279 -12.75 27.21 3.36
N ALA B 280 -13.47 27.00 4.46
CA ALA B 280 -14.90 27.29 4.48
C ALA B 280 -15.18 28.72 4.96
N GLY B 281 -14.14 29.57 5.06
CA GLY B 281 -14.33 31.01 5.16
C GLY B 281 -14.56 31.50 6.59
N GLY B 282 -14.36 30.61 7.57
CA GLY B 282 -14.63 30.94 8.96
C GLY B 282 -16.12 30.87 9.28
N THR B 283 -16.49 31.46 10.43
CA THR B 283 -17.83 31.31 10.97
C THR B 283 -18.70 32.50 10.57
N LEU B 284 -20.02 32.27 10.50
CA LEU B 284 -20.99 33.34 10.28
C LEU B 284 -20.89 34.34 11.42
N GLY B 285 -20.77 35.63 11.07
CA GLY B 285 -20.66 36.69 12.08
C GLY B 285 -19.34 36.63 12.86
N ASN B 286 -18.38 35.82 12.38
CA ASN B 286 -17.12 35.57 13.06
C ASN B 286 -17.35 35.21 14.53
N LYS B 287 -18.41 34.45 14.81
CA LYS B 287 -18.65 33.96 16.16
C LYS B 287 -17.67 32.82 16.47
N LYS B 288 -17.45 32.57 17.76
CA LYS B 288 -16.57 31.50 18.18
C LYS B 288 -17.22 30.16 17.90
N VAL B 289 -16.40 29.20 17.45
CA VAL B 289 -16.82 27.81 17.31
C VAL B 289 -17.04 27.22 18.71
N LYS B 290 -18.19 26.61 18.93
CA LYS B 290 -18.46 25.90 20.16
C LYS B 290 -18.19 24.40 20.01
N ALA B 291 -18.67 23.82 18.90
CA ALA B 291 -18.53 22.38 18.70
C ALA B 291 -18.62 22.05 17.21
N VAL B 292 -18.04 20.89 16.86
CA VAL B 292 -18.21 20.31 15.55
C VAL B 292 -18.82 18.93 15.74
N PHE B 293 -19.97 18.70 15.08
CA PHE B 293 -20.55 17.37 15.02
C PHE B 293 -20.03 16.67 13.77
N SER B 294 -19.40 15.52 13.99
CA SER B 294 -19.00 14.62 12.92
C SER B 294 -20.21 13.78 12.54
N GLY B 295 -21.01 14.33 11.61
CA GLY B 295 -22.32 13.79 11.32
C GLY B 295 -23.11 13.55 12.62
N ALA B 296 -23.66 12.33 12.75
CA ALA B 296 -24.37 11.94 13.96
C ALA B 296 -23.50 11.01 14.83
N LEU B 297 -22.16 11.06 14.66
CA LEU B 297 -21.27 10.09 15.27
C LEU B 297 -20.54 10.65 16.49
N ASP B 298 -19.85 11.78 16.33
CA ASP B 298 -18.97 12.33 17.35
C ASP B 298 -19.24 13.82 17.52
N CYS B 299 -18.94 14.32 18.72
CA CYS B 299 -18.92 15.75 19.00
C CYS B 299 -17.51 16.18 19.43
N PHE B 300 -16.93 17.13 18.67
CA PHE B 300 -15.63 17.70 19.00
C PHE B 300 -15.82 19.12 19.53
N SER B 301 -15.11 19.46 20.61
CA SER B 301 -15.18 20.79 21.19
C SER B 301 -14.21 21.74 20.49
N SER B 302 -14.28 23.03 20.87
CA SER B 302 -13.40 24.05 20.34
C SER B 302 -11.96 23.83 20.77
N GLU B 303 -11.73 22.97 21.77
CA GLU B 303 -10.39 22.64 22.21
C GLU B 303 -9.76 21.57 21.32
N GLU B 304 -10.53 21.03 20.36
CA GLU B 304 -10.09 19.89 19.57
C GLU B 304 -10.03 20.21 18.08
N LEU B 305 -9.79 21.48 17.73
CA LEU B 305 -9.86 21.89 16.33
C LEU B 305 -8.53 21.63 15.61
N ASP B 306 -7.45 21.36 16.35
CA ASP B 306 -6.16 21.21 15.68
C ASP B 306 -5.89 19.75 15.30
N ILE B 307 -6.92 18.90 15.29
CA ILE B 307 -6.73 17.51 14.92
C ILE B 307 -6.70 17.36 13.40
N PRO B 308 -5.99 16.33 12.90
CA PRO B 308 -5.94 16.04 11.47
C PRO B 308 -7.23 15.37 11.00
N MET B 309 -7.61 15.65 9.74
CA MET B 309 -8.78 15.06 9.11
C MET B 309 -8.39 13.73 8.48
N ASP B 310 -7.97 12.77 9.32
CA ASP B 310 -7.41 11.52 8.86
C ASP B 310 -8.02 10.37 9.64
N TYR B 311 -7.48 9.16 9.44
CA TYR B 311 -7.97 7.94 10.06
C TYR B 311 -7.14 7.56 11.29
N SER B 312 -6.32 8.49 11.78
CA SER B 312 -5.45 8.19 12.92
C SER B 312 -6.28 8.10 14.20
N PRO B 313 -5.76 7.44 15.26
CA PRO B 313 -6.45 7.39 16.55
C PRO B 313 -6.90 8.75 17.10
N LEU B 314 -6.08 9.80 16.90
CA LEU B 314 -6.41 11.13 17.38
C LEU B 314 -7.00 12.00 16.26
N GLY B 315 -7.36 11.38 15.13
CA GLY B 315 -7.85 12.13 13.98
C GLY B 315 -9.37 12.31 14.00
N PHE B 316 -9.87 13.05 13.01
CA PHE B 316 -11.30 13.32 12.95
C PHE B 316 -12.08 12.04 12.66
N GLY B 317 -11.61 11.29 11.66
CA GLY B 317 -12.22 10.02 11.29
C GLY B 317 -13.61 10.20 10.68
N GLY B 318 -14.53 9.32 11.07
CA GLY B 318 -15.88 9.28 10.51
C GLY B 318 -15.84 9.25 8.98
N THR B 319 -16.74 10.02 8.36
CA THR B 319 -16.80 10.22 6.92
C THR B 319 -16.25 11.60 6.54
N GLY B 320 -15.67 12.31 7.49
CA GLY B 320 -15.20 13.67 7.26
C GLY B 320 -16.33 14.71 7.21
N THR B 321 -17.50 14.40 7.78
CA THR B 321 -18.62 15.32 7.82
C THR B 321 -18.40 16.34 8.93
N VAL B 322 -18.46 17.63 8.59
CA VAL B 322 -18.17 18.73 9.51
C VAL B 322 -19.40 19.63 9.63
N ILE B 323 -20.14 19.49 10.74
CA ILE B 323 -21.24 20.37 11.08
C ILE B 323 -20.79 21.33 12.19
N VAL B 324 -20.78 22.63 11.89
CA VAL B 324 -20.21 23.62 12.80
C VAL B 324 -21.31 24.31 13.61
N LEU B 325 -21.17 24.29 14.94
CA LEU B 325 -22.01 25.05 15.85
C LEU B 325 -21.18 26.19 16.47
N THR B 326 -21.80 27.36 16.62
CA THR B 326 -21.11 28.49 17.21
C THR B 326 -21.64 28.74 18.63
N GLU B 327 -21.04 29.74 19.29
CA GLU B 327 -21.20 30.01 20.71
C GLU B 327 -22.66 30.19 21.13
N GLU B 328 -23.53 30.66 20.23
CA GLU B 328 -24.92 30.92 20.60
C GLU B 328 -25.83 29.71 20.38
N ASP B 329 -25.32 28.63 19.78
CA ASP B 329 -26.13 27.44 19.51
C ASP B 329 -26.26 26.58 20.77
N ASP B 330 -27.47 26.09 21.04
CA ASP B 330 -27.77 25.32 22.23
C ASP B 330 -27.39 23.85 22.00
N ILE B 331 -26.48 23.33 22.82
CA ILE B 331 -25.93 21.98 22.63
C ILE B 331 -26.96 20.92 22.97
N VAL B 332 -27.89 21.25 23.87
CA VAL B 332 -28.93 20.30 24.29
C VAL B 332 -29.95 20.18 23.16
N GLU B 333 -30.28 21.32 22.55
CA GLU B 333 -31.18 21.35 21.40
C GLU B 333 -30.59 20.51 20.26
N ALA B 334 -29.29 20.66 20.05
CA ALA B 334 -28.59 19.92 19.01
C ALA B 334 -28.59 18.42 19.32
N ALA B 335 -28.30 18.08 20.59
CA ALA B 335 -28.33 16.71 21.05
C ALA B 335 -29.70 16.08 20.81
N LEU B 336 -30.77 16.85 21.04
CA LEU B 336 -32.12 16.38 20.82
C LEU B 336 -32.34 16.03 19.35
N LYS B 337 -31.81 16.86 18.43
CA LYS B 337 -31.90 16.58 16.99
C LYS B 337 -31.24 15.25 16.66
N ILE B 338 -30.08 14.97 17.27
CA ILE B 338 -29.39 13.70 17.04
C ILE B 338 -30.23 12.55 17.60
N ALA B 339 -30.79 12.72 18.80
CA ALA B 339 -31.62 11.68 19.41
C ALA B 339 -32.84 11.38 18.52
N GLU B 340 -33.44 12.43 17.98
CA GLU B 340 -34.59 12.31 17.09
C GLU B 340 -34.24 11.49 15.85
N PHE B 341 -33.03 11.70 15.32
CA PHE B 341 -32.58 10.93 14.16
C PHE B 341 -32.58 9.43 14.48
N TYR B 342 -31.90 9.05 15.58
CA TYR B 342 -31.75 7.64 15.91
C TYR B 342 -33.11 7.04 16.25
N GLU B 343 -33.98 7.81 16.92
CA GLU B 343 -35.35 7.35 17.18
C GLU B 343 -36.05 6.98 15.87
N HIS B 344 -35.91 7.85 14.85
CA HIS B 344 -36.61 7.66 13.60
C HIS B 344 -36.02 6.49 12.81
N GLU B 345 -34.74 6.13 13.01
CA GLU B 345 -34.07 5.25 12.05
C GLU B 345 -33.82 3.83 12.55
N THR B 346 -33.90 3.58 13.87
CA THR B 346 -33.72 2.21 14.34
C THR B 346 -34.72 1.30 13.63
N CYS B 347 -34.27 0.12 13.21
CA CYS B 347 -35.13 -0.83 12.53
C CYS B 347 -35.96 -1.63 13.54
N GLY B 348 -35.53 -1.67 14.80
CA GLY B 348 -36.34 -2.20 15.88
C GLY B 348 -36.21 -3.71 16.09
N GLN B 349 -35.29 -4.38 15.37
CA GLN B 349 -35.04 -5.81 15.52
C GLN B 349 -34.49 -6.18 16.90
N CYS B 350 -33.63 -5.31 17.45
CA CYS B 350 -32.93 -5.55 18.70
C CYS B 350 -33.61 -4.73 19.79
N THR B 351 -33.88 -5.35 20.94
CA THR B 351 -34.72 -4.74 21.94
C THR B 351 -34.06 -3.48 22.51
N PRO B 352 -32.79 -3.50 22.98
CA PRO B 352 -32.21 -2.31 23.60
C PRO B 352 -32.08 -1.13 22.61
N CYS B 353 -31.84 -1.44 21.34
CA CYS B 353 -31.79 -0.41 20.32
C CYS B 353 -33.18 0.18 20.11
N ARG B 354 -34.18 -0.69 19.95
CA ARG B 354 -35.55 -0.29 19.70
C ARG B 354 -36.05 0.62 20.82
N VAL B 355 -35.88 0.18 22.08
CA VAL B 355 -36.43 0.91 23.22
C VAL B 355 -35.50 2.06 23.59
N GLY B 356 -34.18 1.84 23.51
CA GLY B 356 -33.19 2.84 23.85
C GLY B 356 -33.24 4.07 22.95
N CYS B 357 -33.30 3.87 21.62
CA CYS B 357 -33.38 5.02 20.72
C CYS B 357 -34.66 5.80 20.99
N TYR B 358 -35.76 5.09 21.24
CA TYR B 358 -37.03 5.75 21.51
C TYR B 358 -36.97 6.55 22.81
N GLU B 359 -36.52 5.90 23.88
CA GLU B 359 -36.53 6.52 25.21
C GLU B 359 -35.54 7.68 25.27
N GLN B 360 -34.36 7.53 24.65
CA GLN B 360 -33.37 8.60 24.61
C GLN B 360 -34.00 9.88 24.08
N ALA B 361 -34.75 9.77 22.97
CA ALA B 361 -35.35 10.94 22.34
C ALA B 361 -36.51 11.48 23.19
N ASN B 362 -37.36 10.57 23.68
CA ASN B 362 -38.53 10.87 24.50
CA ASN B 362 -38.53 11.02 24.41
C ASN B 362 -38.12 11.66 25.74
N LEU B 363 -37.10 11.13 26.42
CA LEU B 363 -36.67 11.71 27.68
C LEU B 363 -35.94 13.03 27.44
N LEU B 364 -35.13 13.09 26.39
CA LEU B 364 -34.38 14.30 26.08
C LEU B 364 -35.34 15.43 25.72
N GLU B 365 -36.45 15.10 25.08
CA GLU B 365 -37.46 16.09 24.75
C GLU B 365 -38.06 16.67 26.03
N LYS B 366 -38.33 15.81 27.02
CA LYS B 366 -38.84 16.28 28.30
C LYS B 366 -37.84 17.21 28.96
N ILE B 367 -36.56 16.82 28.95
CA ILE B 367 -35.49 17.62 29.51
C ILE B 367 -35.47 18.98 28.81
N TYR B 368 -35.51 18.95 27.48
CA TYR B 368 -35.36 20.16 26.70
C TYR B 368 -36.49 21.14 27.06
N LYS B 369 -37.70 20.61 27.25
CA LYS B 369 -38.87 21.42 27.52
C LYS B 369 -39.01 21.79 29.00
N GLY B 370 -38.12 21.29 29.88
CA GLY B 370 -38.16 21.60 31.29
C GLY B 370 -39.26 20.83 32.03
N GLU B 371 -39.62 19.65 31.52
CA GLU B 371 -40.70 18.84 32.06
C GLU B 371 -40.17 17.56 32.70
N ALA B 372 -38.85 17.36 32.71
CA ALA B 372 -38.28 16.11 33.17
C ALA B 372 -38.26 16.06 34.70
N THR B 373 -38.68 14.91 35.25
CA THR B 373 -38.52 14.62 36.66
C THR B 373 -37.08 14.22 36.92
N GLU B 374 -36.72 14.10 38.20
CA GLU B 374 -35.42 13.58 38.58
C GLU B 374 -35.25 12.15 38.08
N GLN B 375 -36.31 11.34 38.11
CA GLN B 375 -36.20 9.97 37.62
C GLN B 375 -36.00 9.95 36.10
N ASP B 376 -36.57 10.92 35.38
CA ASP B 376 -36.37 11.04 33.94
C ASP B 376 -34.90 11.27 33.62
N TRP B 377 -34.25 12.12 34.42
CA TRP B 377 -32.83 12.43 34.22
C TRP B 377 -32.00 11.17 34.42
N GLU B 378 -32.29 10.44 35.51
CA GLU B 378 -31.59 9.20 35.80
C GLU B 378 -31.84 8.19 34.69
N GLY B 379 -33.09 8.10 34.25
CA GLY B 379 -33.49 7.17 33.19
C GLY B 379 -32.76 7.50 31.88
N PHE B 380 -32.61 8.79 31.61
CA PHE B 380 -31.95 9.27 30.42
C PHE B 380 -30.50 8.81 30.39
N ASP B 381 -29.79 9.03 31.50
CA ASP B 381 -28.42 8.60 31.64
C ASP B 381 -28.31 7.08 31.41
N PHE B 382 -29.25 6.32 31.99
CA PHE B 382 -29.17 4.87 31.89
C PHE B 382 -29.41 4.43 30.46
N VAL B 383 -30.49 4.93 29.84
CA VAL B 383 -30.83 4.55 28.48
C VAL B 383 -29.67 4.87 27.52
N ASN B 384 -29.09 6.05 27.69
CA ASN B 384 -27.99 6.49 26.84
C ASN B 384 -26.82 5.50 26.87
N ARG B 385 -26.59 4.87 28.03
CA ARG B 385 -25.49 3.94 28.18
C ARG B 385 -25.88 2.52 27.76
N ASN B 386 -27.14 2.27 27.41
CA ASN B 386 -27.61 0.90 27.26
C ASN B 386 -28.41 0.71 25.97
N ILE B 387 -28.02 1.40 24.89
CA ILE B 387 -28.65 1.18 23.59
C ILE B 387 -27.96 0.00 22.90
N GLN B 388 -26.66 -0.16 23.13
CA GLN B 388 -25.80 -1.07 22.38
C GLN B 388 -26.03 -2.56 22.67
N PRO B 389 -26.33 -3.01 23.92
CA PRO B 389 -26.36 -4.46 24.20
C PRO B 389 -27.23 -5.28 23.25
N THR B 390 -26.65 -6.40 22.78
CA THR B 390 -27.27 -7.36 21.88
C THR B 390 -27.40 -6.84 20.44
N SER B 391 -27.00 -5.57 20.16
CA SER B 391 -27.17 -4.97 18.84
C SER B 391 -26.44 -5.78 17.77
N ILE B 392 -27.03 -5.90 16.58
CA ILE B 392 -26.37 -6.68 15.54
C ILE B 392 -25.89 -5.79 14.38
N CYS B 393 -26.07 -4.45 14.47
CA CYS B 393 -25.41 -3.55 13.55
C CYS B 393 -24.86 -2.33 14.28
N GLY B 394 -24.14 -1.48 13.51
CA GLY B 394 -23.45 -0.33 14.07
C GLY B 394 -24.39 0.73 14.63
N LEU B 395 -25.66 0.77 14.22
CA LEU B 395 -26.54 1.85 14.66
C LEU B 395 -26.71 1.79 16.18
N GLY B 396 -27.08 0.62 16.71
CA GLY B 396 -27.23 0.44 18.14
C GLY B 396 -25.98 0.84 18.92
N ALA B 397 -24.81 0.53 18.34
CA ALA B 397 -23.52 0.79 18.97
C ALA B 397 -23.22 2.29 19.09
N VAL B 398 -23.78 3.14 18.21
CA VAL B 398 -23.37 4.54 18.19
C VAL B 398 -24.52 5.48 18.52
N ALA B 399 -25.75 5.00 18.70
CA ALA B 399 -26.89 5.89 18.85
C ALA B 399 -26.76 6.79 20.09
N GLY B 400 -25.94 6.38 21.08
CA GLY B 400 -25.74 7.16 22.29
C GLY B 400 -24.41 7.91 22.33
N ARG B 401 -23.54 7.70 21.31
CA ARG B 401 -22.15 8.11 21.38
C ARG B 401 -22.01 9.64 21.43
N LEU B 402 -22.57 10.33 20.42
CA LEU B 402 -22.39 11.78 20.32
C LEU B 402 -23.00 12.46 21.53
N ILE B 403 -24.21 12.01 21.92
CA ILE B 403 -24.91 12.61 23.04
C ILE B 403 -24.07 12.47 24.32
N ARG B 404 -23.45 11.30 24.51
CA ARG B 404 -22.60 11.08 25.68
C ARG B 404 -21.43 12.04 25.67
N GLN B 405 -20.85 12.27 24.48
CA GLN B 405 -19.76 13.23 24.37
C GLN B 405 -20.23 14.65 24.73
N THR B 406 -21.47 15.02 24.42
CA THR B 406 -21.93 16.37 24.77
C THR B 406 -22.06 16.47 26.30
N LEU B 407 -22.50 15.39 26.95
CA LEU B 407 -22.64 15.36 28.40
C LEU B 407 -21.27 15.53 29.06
N GLU B 408 -20.23 14.94 28.47
CA GLU B 408 -18.90 14.98 29.03
C GLU B 408 -18.17 16.30 28.71
N LYS B 409 -18.43 16.88 27.53
CA LYS B 409 -17.68 18.04 27.09
C LYS B 409 -18.40 19.36 27.38
N PHE B 410 -19.73 19.32 27.57
CA PHE B 410 -20.49 20.53 27.84
C PHE B 410 -21.36 20.35 29.08
N PRO B 411 -20.79 19.93 30.25
CA PRO B 411 -21.60 19.72 31.46
C PRO B 411 -22.40 20.94 31.91
N GLU B 412 -21.79 22.14 31.75
CA GLU B 412 -22.38 23.40 32.18
C GLU B 412 -23.73 23.61 31.51
N GLU B 413 -23.79 23.39 30.19
CA GLU B 413 -25.01 23.60 29.43
C GLU B 413 -26.10 22.63 29.87
N TRP B 414 -25.74 21.36 30.07
CA TRP B 414 -26.69 20.37 30.53
C TRP B 414 -27.18 20.70 31.94
N GLU B 415 -26.28 21.21 32.78
CA GLU B 415 -26.60 21.64 34.13
C GLU B 415 -27.71 22.69 34.16
N LYS B 416 -27.65 23.68 33.26
CA LYS B 416 -28.68 24.70 33.19
C LYS B 416 -30.06 24.05 33.06
N TYR B 417 -30.15 22.99 32.24
CA TYR B 417 -31.42 22.31 32.01
C TYR B 417 -31.86 21.53 33.26
N ARG B 418 -30.90 20.96 34.00
CA ARG B 418 -31.26 20.14 35.16
C ARG B 418 -31.87 21.04 36.25
N LYS B 419 -31.19 22.16 36.56
CA LYS B 419 -31.65 23.11 37.55
C LYS B 419 -33.07 23.61 37.19
N PHE C 6 44.06 -3.42 30.70
CA PHE C 6 44.32 -3.54 29.23
C PHE C 6 44.25 -2.14 28.59
N GLU C 7 45.18 -1.86 27.67
CA GLU C 7 45.19 -0.61 26.93
C GLU C 7 45.74 -0.87 25.54
N PHE C 8 45.23 -0.12 24.56
CA PHE C 8 45.62 -0.29 23.17
C PHE C 8 47.00 0.34 22.97
N PRO C 9 47.93 -0.34 22.25
CA PRO C 9 49.15 0.31 21.76
C PRO C 9 48.83 1.60 21.01
N GLU C 10 49.75 2.56 21.06
CA GLU C 10 49.51 3.90 20.52
C GLU C 10 49.27 3.84 19.01
N GLU C 11 49.94 2.92 18.32
CA GLU C 11 49.84 2.82 16.87
C GLU C 11 48.44 2.33 16.49
N LEU C 12 47.88 1.43 17.31
CA LEU C 12 46.54 0.90 17.10
C LEU C 12 45.50 1.94 17.53
N LYS C 13 45.71 2.55 18.70
CA LYS C 13 44.76 3.49 19.26
C LYS C 13 44.54 4.65 18.29
N THR C 14 45.61 5.07 17.60
CA THR C 14 45.54 6.18 16.67
C THR C 14 44.57 5.84 15.54
N LYS C 15 44.68 4.61 15.01
CA LYS C 15 43.84 4.16 13.90
C LYS C 15 42.39 4.00 14.35
N LEU C 16 42.17 3.52 15.58
CA LEU C 16 40.83 3.41 16.12
C LEU C 16 40.21 4.82 16.19
N GLN C 17 41.03 5.78 16.61
CA GLN C 17 40.57 7.16 16.77
C GLN C 17 40.20 7.77 15.41
N GLU C 18 40.94 7.40 14.35
CA GLU C 18 40.65 7.86 12.99
C GLU C 18 39.29 7.34 12.54
N HIS C 19 39.03 6.04 12.76
CA HIS C 19 37.75 5.44 12.44
C HIS C 19 36.63 6.17 13.19
N ILE C 20 36.85 6.44 14.49
CA ILE C 20 35.83 7.00 15.35
C ILE C 20 35.52 8.44 14.94
N ASN C 21 36.51 9.17 14.40
CA ASN C 21 36.30 10.54 13.96
C ASN C 21 35.77 10.60 12.53
N TYR C 22 35.70 9.45 11.84
CA TYR C 22 35.42 9.42 10.41
C TYR C 22 33.93 9.64 10.13
N PHE C 23 33.05 8.88 10.79
CA PHE C 23 31.61 9.02 10.58
C PHE C 23 31.06 10.18 11.40
N PRO C 24 29.87 10.73 11.05
CA PRO C 24 29.22 11.75 11.88
C PRO C 24 29.01 11.37 13.35
N LYS C 25 28.71 10.10 13.63
CA LYS C 25 28.54 9.64 15.00
C LYS C 25 29.55 8.54 15.31
N LYS C 26 30.10 8.62 16.53
CA LYS C 26 31.16 7.73 16.97
C LYS C 26 30.77 6.26 16.80
N ARG C 27 29.57 5.91 17.24
CA ARG C 27 29.16 4.51 17.35
C ARG C 27 29.12 3.84 15.98
N GLN C 28 29.09 4.63 14.89
CA GLN C 28 29.02 4.09 13.54
C GLN C 28 30.30 3.34 13.17
N ALA C 29 31.40 3.64 13.89
CA ALA C 29 32.72 3.11 13.56
C ALA C 29 32.97 1.74 14.18
N ILE C 30 31.97 1.12 14.83
CA ILE C 30 32.19 -0.08 15.63
C ILE C 30 32.78 -1.23 14.79
N LEU C 31 32.31 -1.40 13.55
CA LEU C 31 32.74 -2.54 12.74
C LEU C 31 34.15 -2.26 12.18
N LEU C 32 34.43 -1.02 11.79
CA LEU C 32 35.74 -0.65 11.31
C LEU C 32 36.76 -0.87 12.43
N CYS C 33 36.38 -0.49 13.66
CA CYS C 33 37.24 -0.66 14.83
C CYS C 33 37.55 -2.12 15.09
N LEU C 34 36.53 -2.99 15.03
CA LEU C 34 36.71 -4.40 15.32
C LEU C 34 37.54 -5.08 14.23
N HIS C 35 37.40 -4.62 12.97
CA HIS C 35 38.25 -5.09 11.89
C HIS C 35 39.70 -4.73 12.19
N GLU C 36 39.92 -3.51 12.68
CA GLU C 36 41.26 -3.00 12.97
C GLU C 36 41.89 -3.79 14.12
N ILE C 37 41.09 -4.06 15.17
CA ILE C 37 41.54 -4.84 16.31
C ILE C 37 41.94 -6.24 15.86
N GLN C 38 41.10 -6.88 15.05
CA GLN C 38 41.34 -8.27 14.66
C GLN C 38 42.53 -8.38 13.70
N ASN C 39 42.75 -7.34 12.89
CA ASN C 39 43.88 -7.33 11.98
C ASN C 39 45.19 -7.15 12.75
N TYR C 40 45.11 -6.52 13.93
CA TYR C 40 46.30 -6.23 14.73
C TYR C 40 46.68 -7.46 15.57
N TYR C 41 45.71 -8.05 16.29
CA TYR C 41 46.00 -9.08 17.27
C TYR C 41 45.82 -10.49 16.69
N GLY C 42 45.17 -10.62 15.53
CA GLY C 42 44.87 -11.93 14.95
C GLY C 42 43.60 -12.54 15.53
N TYR C 43 42.86 -11.75 16.31
CA TYR C 43 41.59 -12.14 16.90
C TYR C 43 41.06 -10.93 17.68
N ILE C 44 39.89 -11.06 18.30
CA ILE C 44 39.35 -10.01 19.16
C ILE C 44 39.62 -10.40 20.62
N PRO C 45 40.57 -9.77 21.34
CA PRO C 45 40.79 -10.06 22.75
C PRO C 45 39.57 -9.65 23.58
N PRO C 46 38.96 -10.56 24.36
CA PRO C 46 37.86 -10.18 25.25
C PRO C 46 38.11 -8.92 26.06
N GLU C 47 39.38 -8.67 26.39
CA GLU C 47 39.79 -7.54 27.21
C GLU C 47 39.66 -6.22 26.45
N SER C 48 39.62 -6.28 25.11
CA SER C 48 39.67 -5.09 24.29
C SER C 48 38.31 -4.40 24.21
N LEU C 49 37.25 -5.09 24.63
CA LEU C 49 35.90 -4.64 24.35
C LEU C 49 35.48 -3.49 25.27
N LYS C 50 35.87 -3.56 26.55
CA LYS C 50 35.51 -2.51 27.49
C LYS C 50 36.12 -1.18 27.06
N PRO C 51 37.45 -1.11 26.77
CA PRO C 51 38.06 0.13 26.30
C PRO C 51 37.52 0.59 24.95
N LEU C 52 37.25 -0.35 24.03
CA LEU C 52 36.62 -0.02 22.76
C LEU C 52 35.28 0.66 23.03
N ALA C 53 34.45 0.01 23.87
CA ALA C 53 33.14 0.53 24.21
C ALA C 53 33.25 1.98 24.69
N ASP C 54 34.26 2.27 25.52
CA ASP C 54 34.46 3.59 26.09
C ASP C 54 34.72 4.60 24.97
N MET C 55 35.53 4.21 23.97
CA MET C 55 35.88 5.11 22.89
C MET C 55 34.67 5.41 22.00
N LEU C 56 33.77 4.42 21.85
CA LEU C 56 32.57 4.56 21.03
C LEU C 56 31.43 5.19 21.83
N GLU C 57 31.61 5.35 23.16
CA GLU C 57 30.57 5.83 24.05
C GLU C 57 29.36 4.91 24.00
N LEU C 58 29.61 3.60 24.15
CA LEU C 58 28.56 2.60 24.14
C LEU C 58 28.68 1.72 25.38
N PRO C 59 27.57 1.11 25.84
CA PRO C 59 27.63 0.10 26.90
C PRO C 59 28.41 -1.13 26.43
N LEU C 60 29.00 -1.85 27.39
CA LEU C 60 29.85 -3.00 27.09
C LEU C 60 29.00 -4.08 26.42
N ASN C 61 27.77 -4.28 26.90
CA ASN C 61 26.92 -5.36 26.41
C ASN C 61 26.50 -5.10 24.97
N HIS C 62 26.47 -3.83 24.55
CA HIS C 62 26.18 -3.48 23.16
C HIS C 62 27.31 -4.02 22.28
N VAL C 63 28.55 -3.67 22.63
CA VAL C 63 29.71 -4.08 21.85
C VAL C 63 29.83 -5.60 21.84
N GLU C 64 29.56 -6.24 22.98
CA GLU C 64 29.62 -7.70 23.10
C GLU C 64 28.64 -8.35 22.13
N GLY C 65 27.41 -7.84 22.06
CA GLY C 65 26.39 -8.37 21.16
C GLY C 65 26.79 -8.24 19.69
N VAL C 66 27.49 -7.15 19.35
CA VAL C 66 27.91 -6.87 17.99
C VAL C 66 28.98 -7.89 17.58
N VAL C 67 29.96 -8.11 18.47
CA VAL C 67 31.03 -9.05 18.18
C VAL C 67 30.43 -10.45 17.99
N ALA C 68 29.40 -10.77 18.77
CA ALA C 68 28.78 -12.09 18.74
C ALA C 68 28.02 -12.30 17.43
N PHE C 69 27.41 -11.23 16.92
CA PHE C 69 26.56 -11.31 15.74
C PHE C 69 27.39 -11.47 14.47
N TYR C 70 28.53 -10.77 14.38
CA TYR C 70 29.21 -10.67 13.09
C TYR C 70 30.27 -11.75 12.98
N ASP C 71 30.14 -12.54 11.91
CA ASP C 71 30.80 -13.82 11.75
C ASP C 71 32.30 -13.64 11.52
N MET C 72 32.71 -12.53 10.91
CA MET C 72 34.12 -12.32 10.56
C MET C 72 34.97 -12.18 11.82
N PHE C 73 34.35 -11.88 12.97
CA PHE C 73 35.09 -11.66 14.21
C PHE C 73 35.18 -12.95 15.02
N ASP C 74 36.37 -13.18 15.58
CA ASP C 74 36.71 -14.41 16.29
C ASP C 74 37.26 -14.03 17.66
N ARG C 75 36.58 -14.49 18.74
CA ARG C 75 36.97 -14.18 20.10
C ARG C 75 37.86 -15.27 20.68
N GLU C 76 37.94 -16.44 20.02
CA GLU C 76 38.53 -17.63 20.61
C GLU C 76 39.94 -17.88 20.09
N ASP C 77 40.10 -17.97 18.76
CA ASP C 77 41.35 -18.42 18.17
C ASP C 77 42.15 -17.23 17.64
N LYS C 78 43.43 -17.19 17.99
CA LYS C 78 44.37 -16.23 17.42
C LYS C 78 45.06 -16.87 16.22
N ALA C 79 45.00 -16.20 15.07
CA ALA C 79 45.69 -16.64 13.87
C ALA C 79 46.23 -15.44 13.12
N LYS C 80 47.46 -15.56 12.63
CA LYS C 80 48.09 -14.50 11.86
C LYS C 80 47.36 -14.36 10.53
N TYR C 81 47.10 -15.51 9.87
CA TYR C 81 46.48 -15.54 8.57
C TYR C 81 45.23 -16.41 8.62
N ARG C 82 44.09 -15.83 8.23
CA ARG C 82 42.84 -16.57 8.09
C ARG C 82 42.68 -16.99 6.64
N ILE C 83 42.52 -18.31 6.43
CA ILE C 83 42.26 -18.84 5.11
C ILE C 83 40.76 -19.08 4.98
N ARG C 84 40.05 -18.11 4.39
CA ARG C 84 38.62 -18.22 4.17
C ARG C 84 38.39 -19.07 2.91
N VAL C 85 37.66 -20.16 3.09
CA VAL C 85 37.40 -21.10 2.01
C VAL C 85 35.90 -21.11 1.76
N CYS C 86 35.52 -20.78 0.52
CA CYS C 86 34.13 -20.79 0.16
C CYS C 86 33.64 -22.24 0.16
N VAL C 87 32.52 -22.50 0.86
CA VAL C 87 31.97 -23.83 0.96
C VAL C 87 30.53 -23.79 0.44
N SER C 88 30.28 -22.93 -0.54
CA SER C 88 28.94 -22.70 -1.05
C SER C 88 28.85 -23.25 -2.47
N ILE C 89 27.82 -22.80 -3.20
CA ILE C 89 27.49 -23.25 -4.54
C ILE C 89 27.51 -22.03 -5.45
N PRO C 90 28.20 -22.06 -6.62
CA PRO C 90 28.78 -23.29 -7.21
C PRO C 90 30.18 -23.78 -6.90
N CYS C 91 30.89 -23.19 -5.92
CA CYS C 91 32.25 -23.62 -5.62
C CYS C 91 32.30 -25.13 -5.36
N HIS C 92 31.24 -25.71 -4.77
CA HIS C 92 31.23 -27.14 -4.46
C HIS C 92 31.32 -27.97 -5.74
N LEU C 93 30.75 -27.46 -6.84
CA LEU C 93 30.79 -28.15 -8.13
C LEU C 93 32.19 -28.10 -8.73
N MET C 94 32.97 -27.08 -8.39
CA MET C 94 34.17 -26.74 -9.14
C MET C 94 35.45 -27.11 -8.37
N GLY C 95 35.32 -27.71 -7.18
CA GLY C 95 36.42 -28.42 -6.53
C GLY C 95 36.83 -27.85 -5.17
N THR C 96 35.86 -27.38 -4.37
CA THR C 96 36.15 -26.99 -2.99
C THR C 96 36.79 -28.16 -2.23
N ASN C 97 36.29 -29.37 -2.48
CA ASN C 97 36.78 -30.56 -1.80
C ASN C 97 38.29 -30.73 -2.04
N LYS C 98 38.75 -30.49 -3.28
CA LYS C 98 40.15 -30.64 -3.64
C LYS C 98 41.01 -29.56 -3.00
N LEU C 99 40.43 -28.34 -2.88
CA LEU C 99 41.10 -27.25 -2.18
C LEU C 99 41.31 -27.62 -0.71
N LEU C 100 40.28 -28.20 -0.07
CA LEU C 100 40.35 -28.53 1.34
C LEU C 100 41.41 -29.62 1.55
N LYS C 101 41.37 -30.65 0.70
CA LYS C 101 42.35 -31.73 0.74
C LYS C 101 43.76 -31.16 0.62
N ALA C 102 43.98 -30.29 -0.37
CA ALA C 102 45.28 -29.68 -0.60
C ALA C 102 45.76 -28.91 0.63
N LEU C 103 44.83 -28.21 1.29
CA LEU C 103 45.15 -27.44 2.49
C LEU C 103 45.54 -28.38 3.63
N GLU C 104 44.87 -29.54 3.70
CA GLU C 104 45.16 -30.51 4.74
C GLU C 104 46.56 -31.10 4.53
N ASN C 105 46.87 -31.43 3.27
CA ASN C 105 48.18 -31.96 2.89
C ASN C 105 49.28 -30.98 3.28
N ILE C 106 49.10 -29.69 2.99
CA ILE C 106 50.14 -28.70 3.18
C ILE C 106 50.25 -28.32 4.67
N LEU C 107 49.12 -28.04 5.33
CA LEU C 107 49.14 -27.40 6.64
C LEU C 107 48.73 -28.36 7.76
N GLY C 108 48.15 -29.51 7.40
CA GLY C 108 47.79 -30.53 8.37
C GLY C 108 46.58 -30.13 9.22
N ILE C 109 45.72 -29.25 8.70
CA ILE C 109 44.52 -28.85 9.43
C ILE C 109 43.29 -28.90 8.52
N LYS C 110 42.12 -28.94 9.19
CA LYS C 110 40.81 -28.99 8.56
C LYS C 110 40.07 -27.69 8.82
N PRO C 111 38.88 -27.45 8.21
CA PRO C 111 38.07 -26.27 8.52
C PRO C 111 37.74 -26.13 10.00
N GLY C 112 38.03 -24.94 10.56
CA GLY C 112 37.76 -24.64 11.96
C GLY C 112 39.03 -24.70 12.82
N GLU C 113 40.11 -25.29 12.29
CA GLU C 113 41.31 -25.55 13.05
C GLU C 113 42.39 -24.51 12.76
N VAL C 114 43.31 -24.35 13.73
CA VAL C 114 44.48 -23.51 13.59
C VAL C 114 45.72 -24.39 13.64
N THR C 115 46.75 -24.05 12.87
CA THR C 115 48.04 -24.73 12.96
C THR C 115 48.61 -24.50 14.36
N PRO C 116 49.45 -25.43 14.89
CA PRO C 116 50.02 -25.29 16.24
C PRO C 116 50.75 -23.97 16.49
N ASP C 117 51.47 -23.48 15.47
CA ASP C 117 52.25 -22.26 15.58
C ASP C 117 51.35 -21.01 15.57
N GLY C 118 50.04 -21.19 15.34
CA GLY C 118 49.08 -20.10 15.38
C GLY C 118 49.20 -19.19 14.15
N LYS C 119 49.70 -19.74 13.03
CA LYS C 119 50.01 -18.97 11.84
C LYS C 119 48.79 -18.94 10.91
N PHE C 120 48.17 -20.10 10.68
CA PHE C 120 47.07 -20.23 9.75
C PHE C 120 45.85 -20.86 10.44
N LYS C 121 44.67 -20.27 10.18
CA LYS C 121 43.39 -20.90 10.49
C LYS C 121 42.57 -21.02 9.21
N ILE C 122 41.91 -22.17 9.01
CA ILE C 122 40.95 -22.33 7.92
C ILE C 122 39.56 -21.97 8.44
N VAL C 123 38.93 -21.01 7.76
CA VAL C 123 37.59 -20.54 8.11
C VAL C 123 36.65 -20.88 6.95
N PRO C 124 35.70 -21.83 7.09
CA PRO C 124 34.72 -22.06 6.02
C PRO C 124 33.77 -20.86 6.00
N VAL C 125 33.39 -20.41 4.79
CA VAL C 125 32.54 -19.23 4.63
C VAL C 125 31.56 -19.49 3.49
N GLN C 126 30.47 -18.72 3.50
CA GLN C 126 29.51 -18.74 2.40
C GLN C 126 30.08 -17.94 1.23
N CYS C 127 29.38 -17.97 0.10
CA CYS C 127 29.82 -17.40 -1.16
C CYS C 127 30.62 -16.10 -0.97
N LEU C 128 31.81 -16.07 -1.58
CA LEU C 128 32.73 -14.95 -1.52
C LEU C 128 32.56 -14.00 -2.71
N GLY C 129 31.60 -14.30 -3.60
CA GLY C 129 31.29 -13.42 -4.70
C GLY C 129 32.40 -13.39 -5.75
N ALA C 130 32.95 -14.58 -6.05
CA ALA C 130 33.90 -14.72 -7.14
C ALA C 130 33.67 -16.05 -7.86
N CYS C 131 32.39 -16.41 -7.97
CA CYS C 131 31.96 -17.76 -8.32
C CYS C 131 32.46 -18.21 -9.70
N SER C 132 32.73 -17.26 -10.60
CA SER C 132 33.21 -17.59 -11.94
C SER C 132 34.65 -18.13 -11.88
N GLU C 133 35.37 -17.80 -10.80
CA GLU C 133 36.76 -18.21 -10.61
C GLU C 133 36.85 -19.23 -9.48
N ALA C 134 35.87 -20.13 -9.42
CA ALA C 134 35.77 -21.13 -8.39
C ALA C 134 36.84 -22.21 -8.59
N PRO C 135 37.33 -22.90 -7.53
CA PRO C 135 36.95 -22.63 -6.15
C PRO C 135 37.78 -21.49 -5.52
N VAL C 136 37.11 -20.68 -4.69
CA VAL C 136 37.67 -19.43 -4.20
C VAL C 136 38.15 -19.59 -2.75
N PHE C 137 39.26 -18.94 -2.42
CA PHE C 137 39.67 -18.78 -1.03
C PHE C 137 40.35 -17.42 -0.87
N MET C 138 40.43 -16.96 0.39
CA MET C 138 41.15 -15.76 0.73
C MET C 138 42.26 -16.10 1.73
N VAL C 139 43.33 -15.30 1.70
CA VAL C 139 44.32 -15.30 2.77
C VAL C 139 44.37 -13.89 3.34
N ASN C 140 43.77 -13.69 4.53
CA ASN C 140 43.40 -12.38 5.02
C ASN C 140 42.71 -11.63 3.88
N ASP C 141 43.23 -10.46 3.46
CA ASP C 141 42.55 -9.61 2.49
C ASP C 141 42.70 -10.13 1.06
N ASP C 142 43.70 -10.97 0.78
CA ASP C 142 43.99 -11.40 -0.59
C ASP C 142 43.06 -12.55 -0.99
N GLU C 143 42.63 -12.55 -2.26
CA GLU C 143 41.71 -13.56 -2.74
C GLU C 143 42.27 -14.22 -4.00
N TYR C 144 41.98 -15.54 -4.15
CA TYR C 144 42.59 -16.36 -5.17
C TYR C 144 41.62 -17.45 -5.63
N LYS C 145 41.82 -17.88 -6.88
CA LYS C 145 41.26 -19.12 -7.38
C LYS C 145 42.26 -20.25 -7.12
N PHE C 146 41.75 -21.40 -6.66
CA PHE C 146 42.58 -22.58 -6.44
C PHE C 146 42.72 -23.37 -7.74
N GLU C 147 43.98 -23.64 -8.13
CA GLU C 147 44.30 -24.39 -9.35
C GLU C 147 44.79 -25.79 -9.01
N SER C 148 45.76 -25.88 -8.09
CA SER C 148 46.41 -27.13 -7.77
C SER C 148 47.18 -26.99 -6.46
N GLU C 149 47.56 -28.15 -5.88
CA GLU C 149 48.29 -28.18 -4.62
C GLU C 149 49.63 -27.45 -4.76
N VAL C 150 50.31 -27.64 -5.90
CA VAL C 150 51.57 -26.97 -6.17
C VAL C 150 51.35 -25.46 -6.20
N GLN C 151 50.30 -25.02 -6.91
CA GLN C 151 49.99 -23.60 -7.02
C GLN C 151 49.67 -23.03 -5.63
N LEU C 152 48.82 -23.76 -4.88
CA LEU C 152 48.41 -23.35 -3.55
C LEU C 152 49.61 -23.21 -2.62
N ASN C 153 50.56 -24.16 -2.72
CA ASN C 153 51.71 -24.18 -1.84
C ASN C 153 52.56 -22.93 -2.05
N GLU C 154 52.73 -22.51 -3.32
CA GLU C 154 53.50 -21.32 -3.65
C GLU C 154 52.82 -20.08 -3.09
N ILE C 155 51.48 -20.04 -3.14
CA ILE C 155 50.73 -18.90 -2.64
C ILE C 155 50.94 -18.77 -1.13
N LEU C 156 50.80 -19.87 -0.39
CA LEU C 156 50.92 -19.87 1.06
C LEU C 156 52.33 -19.47 1.49
N SER C 157 53.34 -19.80 0.66
CA SER C 157 54.74 -19.54 0.99
C SER C 157 55.03 -18.04 1.02
N ARG C 158 54.15 -17.23 0.44
CA ARG C 158 54.33 -15.79 0.41
C ARG C 158 54.01 -15.17 1.78
N TYR C 159 53.27 -15.93 2.61
CA TYR C 159 52.85 -15.45 3.92
C TYR C 159 53.77 -16.06 4.99
N THR C 160 54.59 -15.23 5.63
CA THR C 160 55.64 -15.70 6.52
C THR C 160 55.33 -15.27 7.95
N SER D 3 48.21 0.27 -4.69
CA SER D 3 48.48 -1.16 -4.37
C SER D 3 47.37 -1.71 -3.48
N TYR D 4 46.68 -2.75 -3.97
CA TYR D 4 45.47 -3.27 -3.35
C TYR D 4 45.59 -4.76 -3.12
N PRO D 5 44.78 -5.36 -2.23
CA PRO D 5 44.76 -6.81 -2.07
C PRO D 5 44.45 -7.52 -3.38
N ALA D 6 44.96 -8.75 -3.52
CA ALA D 6 44.76 -9.53 -4.74
C ALA D 6 43.28 -9.84 -4.89
N ILE D 7 42.79 -9.82 -6.14
CA ILE D 7 41.43 -10.23 -6.45
C ILE D 7 41.45 -11.16 -7.66
N PRO D 8 40.57 -12.17 -7.72
CA PRO D 8 40.51 -13.06 -8.89
C PRO D 8 40.21 -12.23 -10.13
N ARG D 9 40.56 -12.77 -11.29
CA ARG D 9 40.32 -12.09 -12.55
C ARG D 9 39.01 -12.60 -13.12
N ILE D 10 37.93 -11.85 -12.88
CA ILE D 10 36.63 -12.23 -13.38
C ILE D 10 36.51 -11.76 -14.84
N TYR D 11 36.14 -12.68 -15.72
CA TYR D 11 35.91 -12.38 -17.12
C TYR D 11 34.65 -11.52 -17.24
N ALA D 12 34.72 -10.50 -18.08
CA ALA D 12 33.61 -9.59 -18.31
C ALA D 12 33.50 -9.28 -19.79
N GLU D 13 32.26 -9.24 -20.30
CA GLU D 13 31.97 -9.05 -21.72
C GLU D 13 30.67 -8.27 -21.85
N THR D 14 30.60 -7.36 -22.83
CA THR D 14 29.45 -6.48 -23.01
C THR D 14 29.09 -6.36 -24.49
N THR D 15 27.78 -6.28 -24.77
CA THR D 15 27.29 -5.97 -26.10
C THR D 15 26.76 -4.54 -26.14
N LEU D 16 26.85 -3.80 -25.03
CA LEU D 16 26.21 -2.50 -24.92
C LEU D 16 27.24 -1.42 -24.63
N ASN D 17 28.37 -1.81 -24.02
CA ASN D 17 29.47 -0.93 -23.74
C ASN D 17 29.02 0.25 -22.87
N MET D 18 28.25 -0.05 -21.82
CA MET D 18 27.77 0.98 -20.92
C MET D 18 28.41 0.79 -19.54
N LEU D 19 27.79 -0.05 -18.68
CA LEU D 19 28.33 -0.30 -17.35
C LEU D 19 29.72 -0.90 -17.44
N LEU D 20 30.01 -1.70 -18.49
CA LEU D 20 31.28 -2.39 -18.59
C LEU D 20 32.21 -1.73 -19.61
N LYS D 21 31.90 -0.48 -20.03
CA LYS D 21 32.75 0.22 -20.98
C LYS D 21 34.21 0.17 -20.50
N ARG D 22 34.43 0.45 -19.21
CA ARG D 22 35.74 0.34 -18.59
C ARG D 22 35.87 -0.97 -17.80
N ALA D 23 34.80 -1.39 -17.10
CA ALA D 23 34.89 -2.49 -16.16
C ALA D 23 35.00 -3.85 -16.86
N LYS D 24 34.95 -3.89 -18.21
CA LYS D 24 35.28 -5.11 -18.93
C LYS D 24 36.77 -5.42 -18.83
N LYS D 25 37.58 -4.43 -18.46
CA LYS D 25 39.02 -4.61 -18.30
C LYS D 25 39.34 -4.77 -16.81
N PRO D 26 40.02 -5.86 -16.40
CA PRO D 26 40.27 -6.12 -14.98
C PRO D 26 41.37 -5.27 -14.34
N ARG D 27 41.12 -3.97 -14.18
CA ARG D 27 42.02 -3.08 -13.47
C ARG D 27 41.24 -1.85 -13.02
N VAL D 28 41.84 -1.11 -12.08
CA VAL D 28 41.24 0.08 -11.52
C VAL D 28 41.38 1.24 -12.51
N HIS D 29 40.25 1.86 -12.89
CA HIS D 29 40.26 3.06 -13.71
C HIS D 29 40.15 4.28 -12.80
N SER D 30 41.23 5.06 -12.70
CA SER D 30 41.29 6.18 -11.78
C SER D 30 40.69 7.42 -12.44
N ILE D 31 40.62 8.53 -11.68
CA ILE D 31 39.76 9.63 -12.08
C ILE D 31 40.22 10.25 -13.39
N ASP D 32 41.54 10.30 -13.66
CA ASP D 32 42.04 10.96 -14.86
C ASP D 32 41.51 10.26 -16.11
N GLU D 33 41.60 8.93 -16.11
CA GLU D 33 41.10 8.11 -17.21
C GLU D 33 39.57 8.20 -17.30
N TYR D 34 38.91 8.28 -16.15
CA TYR D 34 37.45 8.39 -16.13
C TYR D 34 37.03 9.71 -16.78
N LEU D 35 37.71 10.81 -16.42
CA LEU D 35 37.44 12.14 -16.96
C LEU D 35 37.68 12.19 -18.48
N LYS D 36 38.69 11.47 -18.99
CA LYS D 36 38.97 11.46 -20.42
C LYS D 36 37.80 10.85 -21.20
N ASP D 37 37.12 9.87 -20.60
CA ASP D 37 36.01 9.19 -21.24
C ASP D 37 34.70 9.96 -21.07
N GLY D 38 34.76 11.19 -20.55
CA GLY D 38 33.57 12.02 -20.43
C GLY D 38 32.96 11.98 -19.03
N GLY D 39 33.63 11.28 -18.10
CA GLY D 39 33.19 11.15 -16.72
C GLY D 39 32.93 12.50 -16.04
N TYR D 40 31.89 12.52 -15.19
CA TYR D 40 31.51 13.63 -14.33
C TYR D 40 30.85 14.77 -15.12
N GLN D 41 30.71 14.63 -16.45
CA GLN D 41 29.97 15.61 -17.23
C GLN D 41 28.46 15.47 -16.96
N ALA D 42 28.00 14.24 -16.73
CA ALA D 42 26.62 14.00 -16.35
C ALA D 42 26.30 14.68 -15.02
N LEU D 43 27.23 14.61 -14.05
CA LEU D 43 27.03 15.30 -12.79
C LEU D 43 26.80 16.78 -13.01
N GLU D 44 27.65 17.40 -13.84
CA GLU D 44 27.55 18.84 -14.04
C GLU D 44 26.22 19.18 -14.72
N LYS D 45 25.82 18.35 -15.69
CA LYS D 45 24.53 18.50 -16.33
C LYS D 45 23.42 18.39 -15.28
N ALA D 46 23.52 17.40 -14.39
CA ALA D 46 22.50 17.16 -13.37
C ALA D 46 22.38 18.37 -12.44
N LEU D 47 23.51 18.97 -12.04
CA LEU D 47 23.48 20.08 -11.10
C LEU D 47 22.87 21.34 -11.74
N ASN D 48 22.77 21.38 -13.07
CA ASN D 48 22.10 22.48 -13.75
C ASN D 48 20.61 22.19 -13.95
N MET D 49 20.15 21.00 -13.54
CA MET D 49 18.74 20.66 -13.49
C MET D 49 18.26 20.79 -12.05
N SER D 50 16.94 20.87 -11.85
CA SER D 50 16.38 20.81 -10.51
C SER D 50 16.39 19.35 -10.04
N PRO D 51 16.45 19.10 -8.73
CA PRO D 51 16.26 17.75 -8.19
C PRO D 51 15.03 17.04 -8.75
N GLU D 52 13.93 17.78 -8.89
CA GLU D 52 12.65 17.22 -9.30
C GLU D 52 12.74 16.71 -10.73
N GLU D 53 13.48 17.44 -11.57
CA GLU D 53 13.68 17.04 -12.95
C GLU D 53 14.48 15.73 -13.02
N ILE D 54 15.49 15.59 -12.15
CA ILE D 54 16.31 14.39 -12.15
C ILE D 54 15.46 13.19 -11.76
N ILE D 55 14.65 13.36 -10.71
CA ILE D 55 13.70 12.32 -10.31
C ILE D 55 12.83 11.93 -11.49
N ASP D 56 12.29 12.94 -12.19
CA ASP D 56 11.40 12.73 -13.33
C ASP D 56 12.11 11.91 -14.41
N TRP D 57 13.37 12.24 -14.73
CA TRP D 57 14.08 11.52 -15.78
C TRP D 57 14.32 10.06 -15.38
N VAL D 58 14.74 9.85 -14.13
CA VAL D 58 15.00 8.50 -13.67
C VAL D 58 13.69 7.69 -13.68
N ASP D 59 12.59 8.32 -13.26
CA ASP D 59 11.26 7.72 -13.34
C ASP D 59 10.94 7.30 -14.77
N LYS D 60 10.99 8.27 -15.70
CA LYS D 60 10.61 8.02 -17.08
C LYS D 60 11.54 7.04 -17.78
N SER D 61 12.76 6.86 -17.27
CA SER D 61 13.72 5.92 -17.86
C SER D 61 13.24 4.48 -17.75
N THR D 62 12.39 4.21 -16.75
CA THR D 62 11.84 2.91 -16.38
C THR D 62 12.87 2.07 -15.61
N LEU D 63 14.01 2.68 -15.22
CA LEU D 63 14.98 1.99 -14.38
C LEU D 63 14.29 1.34 -13.18
N ARG D 64 14.64 0.08 -12.91
CA ARG D 64 14.16 -0.63 -11.73
C ARG D 64 15.35 -1.13 -10.92
N GLY D 65 15.14 -1.29 -9.61
CA GLY D 65 16.14 -1.82 -8.70
C GLY D 65 16.77 -3.11 -9.23
N ARG D 66 18.11 -3.16 -9.17
CA ARG D 66 18.86 -4.32 -9.62
C ARG D 66 19.27 -5.23 -8.46
N GLY D 67 18.79 -4.94 -7.25
CA GLY D 67 19.19 -5.67 -6.05
C GLY D 67 18.27 -6.84 -5.70
N GLY D 68 17.26 -7.14 -6.52
CA GLY D 68 16.47 -8.34 -6.34
C GLY D 68 14.96 -8.09 -6.32
N ALA D 69 14.53 -6.94 -5.79
CA ALA D 69 13.10 -6.71 -5.60
C ALA D 69 12.49 -5.97 -6.79
N GLY D 70 13.33 -5.35 -7.62
CA GLY D 70 12.89 -4.75 -8.87
C GLY D 70 11.94 -3.56 -8.70
N PHE D 71 12.09 -2.79 -7.61
CA PHE D 71 11.21 -1.65 -7.38
C PHE D 71 11.60 -0.50 -8.30
N PRO D 72 10.64 0.19 -8.95
CA PRO D 72 10.96 1.32 -9.84
C PRO D 72 11.73 2.41 -9.10
N THR D 73 12.89 2.79 -9.65
CA THR D 73 13.83 3.62 -8.91
C THR D 73 13.25 5.01 -8.69
N GLY D 74 12.72 5.62 -9.76
CA GLY D 74 12.18 6.97 -9.66
C GLY D 74 11.04 7.05 -8.65
N LYS D 75 10.19 6.01 -8.65
CA LYS D 75 9.08 5.98 -7.72
C LYS D 75 9.59 5.88 -6.28
N LYS D 76 10.68 5.12 -6.05
CA LYS D 76 11.26 5.04 -4.72
C LYS D 76 11.72 6.43 -4.26
N TRP D 77 12.44 7.15 -5.13
CA TRP D 77 12.93 8.49 -4.79
C TRP D 77 11.76 9.43 -4.48
N LYS D 78 10.68 9.32 -5.25
CA LYS D 78 9.52 10.19 -5.04
C LYS D 78 8.91 9.92 -3.67
N PHE D 79 8.93 8.66 -3.21
CA PHE D 79 8.45 8.32 -1.87
C PHE D 79 9.30 9.05 -0.83
N ALA D 80 10.63 9.06 -0.99
CA ALA D 80 11.51 9.67 -0.01
C ALA D 80 11.26 11.16 0.11
N VAL D 81 11.02 11.85 -1.02
CA VAL D 81 10.92 13.30 -0.99
C VAL D 81 9.51 13.76 -0.62
N GLN D 82 8.60 12.83 -0.30
CA GLN D 82 7.28 13.19 0.22
C GLN D 82 7.38 13.68 1.67
N ASN D 83 8.51 13.39 2.33
CA ASN D 83 8.73 13.65 3.74
C ASN D 83 9.84 14.68 3.87
N PRO D 84 9.81 15.60 4.87
CA PRO D 84 10.85 16.62 5.02
C PRO D 84 12.24 16.03 5.30
N GLY D 85 13.27 16.76 4.82
CA GLY D 85 14.65 16.43 5.10
C GLY D 85 15.02 16.72 6.55
N PRO D 86 16.26 16.40 7.00
CA PRO D 86 17.30 15.84 6.13
C PRO D 86 16.99 14.43 5.66
N ARG D 87 17.61 14.04 4.54
CA ARG D 87 17.45 12.71 3.98
C ARG D 87 18.84 12.11 3.76
N TYR D 88 18.89 10.77 3.68
CA TYR D 88 20.13 10.04 3.47
C TYR D 88 20.02 9.16 2.24
N PHE D 89 21.17 8.97 1.59
CA PHE D 89 21.30 8.08 0.45
C PHE D 89 22.33 7.00 0.79
N ILE D 90 21.98 5.74 0.49
CA ILE D 90 22.82 4.61 0.79
C ILE D 90 22.97 3.73 -0.45
N CYS D 91 24.23 3.47 -0.80
CA CYS D 91 24.58 2.49 -1.81
C CYS D 91 24.80 1.13 -1.14
N ASN D 92 24.00 0.15 -1.55
CA ASN D 92 24.08 -1.21 -1.03
C ASN D 92 25.10 -2.01 -1.83
N ALA D 93 26.29 -2.19 -1.24
CA ALA D 93 27.34 -2.98 -1.84
C ALA D 93 27.62 -4.24 -1.01
N ASP D 94 26.56 -4.86 -0.45
CA ASP D 94 26.74 -6.01 0.42
C ASP D 94 26.78 -7.34 -0.35
N GLU D 95 26.48 -7.29 -1.66
CA GLU D 95 26.48 -8.45 -2.55
C GLU D 95 27.07 -9.72 -1.91
N SER D 96 26.21 -10.64 -1.48
CA SER D 96 26.65 -11.83 -0.77
C SER D 96 25.82 -13.07 -1.12
N GLU D 97 24.92 -12.98 -2.11
CA GLU D 97 24.10 -14.12 -2.48
C GLU D 97 24.90 -15.07 -3.37
N PRO D 98 24.81 -16.41 -3.16
CA PRO D 98 25.49 -17.38 -4.03
C PRO D 98 25.34 -17.08 -5.51
N GLY D 99 26.46 -17.04 -6.24
CA GLY D 99 26.44 -16.86 -7.68
C GLY D 99 26.61 -15.40 -8.10
N THR D 100 26.46 -14.46 -7.15
CA THR D 100 26.29 -13.06 -7.51
C THR D 100 27.61 -12.33 -7.30
N PHE D 101 28.21 -11.85 -8.41
CA PHE D 101 29.47 -11.13 -8.36
C PHE D 101 29.46 -9.96 -9.35
N LYS D 102 28.27 -9.46 -9.69
CA LYS D 102 28.13 -8.42 -10.70
C LYS D 102 28.55 -7.06 -10.15
N ASP D 103 28.27 -6.81 -8.87
CA ASP D 103 28.49 -5.49 -8.29
C ASP D 103 29.97 -5.20 -8.06
N ARG D 104 30.75 -6.22 -7.68
CA ARG D 104 32.14 -6.01 -7.33
C ARG D 104 32.96 -5.54 -8.54
N ILE D 105 32.61 -5.94 -9.77
CA ILE D 105 33.46 -5.55 -10.88
C ILE D 105 33.28 -4.06 -11.21
N ILE D 106 32.10 -3.49 -10.90
CA ILE D 106 31.92 -2.04 -11.02
C ILE D 106 32.79 -1.34 -9.96
N ILE D 107 32.66 -1.78 -8.71
CA ILE D 107 33.36 -1.15 -7.60
C ILE D 107 34.88 -1.17 -7.83
N GLU D 108 35.38 -2.32 -8.27
CA GLU D 108 36.82 -2.58 -8.26
C GLU D 108 37.49 -2.03 -9.52
N ARG D 109 36.72 -1.80 -10.59
CA ARG D 109 37.31 -1.44 -11.87
C ARG D 109 36.90 -0.03 -12.29
N ASP D 110 35.64 0.35 -12.05
CA ASP D 110 35.16 1.65 -12.48
C ASP D 110 34.45 2.36 -11.33
N PRO D 111 35.14 2.62 -10.20
CA PRO D 111 34.50 3.19 -9.02
C PRO D 111 33.88 4.58 -9.23
N HIS D 112 34.42 5.37 -10.15
CA HIS D 112 33.91 6.71 -10.41
C HIS D 112 32.52 6.67 -11.03
N LEU D 113 32.20 5.62 -11.79
CA LEU D 113 30.86 5.46 -12.34
C LEU D 113 29.85 5.41 -11.19
N LEU D 114 30.15 4.57 -10.19
CA LEU D 114 29.31 4.46 -9.00
C LEU D 114 29.28 5.77 -8.24
N ILE D 115 30.45 6.39 -8.03
CA ILE D 115 30.51 7.63 -7.26
C ILE D 115 29.69 8.73 -7.94
N GLU D 116 29.82 8.86 -9.27
CA GLU D 116 29.06 9.86 -10.00
C GLU D 116 27.55 9.61 -9.82
N GLY D 117 27.15 8.34 -9.90
CA GLY D 117 25.75 7.97 -9.70
C GLY D 117 25.24 8.33 -8.31
N ILE D 118 26.09 8.10 -7.30
CA ILE D 118 25.73 8.41 -5.93
C ILE D 118 25.51 9.91 -5.77
N ILE D 119 26.40 10.72 -6.35
CA ILE D 119 26.29 12.16 -6.19
C ILE D 119 25.01 12.68 -6.85
N ILE D 120 24.72 12.23 -8.09
CA ILE D 120 23.53 12.67 -8.80
C ILE D 120 22.28 12.25 -8.01
N SER D 121 22.26 10.99 -7.55
CA SER D 121 21.12 10.45 -6.82
C SER D 121 20.89 11.22 -5.52
N SER D 122 21.98 11.53 -4.80
CA SER D 122 21.92 12.27 -3.55
C SER D 122 21.33 13.66 -3.79
N TYR D 123 21.82 14.33 -4.82
CA TYR D 123 21.29 15.63 -5.21
C TYR D 123 19.79 15.51 -5.50
N ALA D 124 19.40 14.45 -6.21
CA ALA D 124 18.02 14.29 -6.61
C ALA D 124 17.09 14.26 -5.40
N ILE D 125 17.50 13.61 -4.30
CA ILE D 125 16.62 13.43 -3.16
C ILE D 125 16.95 14.40 -2.03
N GLY D 126 17.96 15.26 -2.23
CA GLY D 126 18.29 16.30 -1.27
C GLY D 126 19.08 15.76 -0.08
N ALA D 127 19.92 14.74 -0.31
CA ALA D 127 20.75 14.16 0.75
C ALA D 127 22.13 14.80 0.71
N ASN D 128 22.62 15.25 1.88
CA ASN D 128 23.94 15.85 2.01
C ASN D 128 24.93 14.86 2.61
N GLU D 129 24.44 13.68 2.98
CA GLU D 129 25.28 12.62 3.52
C GLU D 129 24.88 11.32 2.82
N ALA D 130 25.88 10.65 2.23
CA ALA D 130 25.67 9.39 1.56
C ALA D 130 26.61 8.34 2.13
N TYR D 131 26.23 7.06 1.98
CA TYR D 131 26.99 5.95 2.51
C TYR D 131 27.16 4.90 1.42
N ILE D 132 28.32 4.24 1.41
CA ILE D 132 28.45 2.96 0.75
C ILE D 132 28.64 1.91 1.85
N TYR D 133 27.80 0.87 1.83
CA TYR D 133 27.95 -0.24 2.76
C TYR D 133 28.46 -1.43 1.94
N ILE D 134 29.74 -1.77 2.13
CA ILE D 134 30.36 -2.82 1.34
C ILE D 134 30.69 -4.00 2.24
N ARG D 135 30.42 -5.21 1.77
CA ARG D 135 30.61 -6.41 2.57
C ARG D 135 32.07 -6.51 2.99
N GLY D 136 32.30 -7.09 4.16
CA GLY D 136 33.63 -7.14 4.74
C GLY D 136 34.61 -7.96 3.91
N GLU D 137 34.09 -8.89 3.10
CA GLU D 137 34.91 -9.80 2.31
C GLU D 137 35.28 -9.22 0.96
N TYR D 138 35.01 -7.91 0.74
CA TYR D 138 35.51 -7.16 -0.39
C TYR D 138 36.45 -6.06 0.09
N PRO D 139 37.60 -6.42 0.73
CA PRO D 139 38.53 -5.41 1.23
C PRO D 139 39.14 -4.53 0.14
N ALA D 140 39.44 -5.13 -1.02
CA ALA D 140 39.98 -4.37 -2.13
C ALA D 140 38.99 -3.30 -2.56
N GLY D 141 37.73 -3.71 -2.72
CA GLY D 141 36.65 -2.80 -3.06
C GLY D 141 36.61 -1.61 -2.10
N TYR D 142 36.78 -1.90 -0.80
CA TYR D 142 36.70 -0.87 0.22
C TYR D 142 37.81 0.16 0.04
N TYR D 143 39.05 -0.31 -0.16
CA TYR D 143 40.18 0.60 -0.28
C TYR D 143 40.08 1.39 -1.58
N ILE D 144 39.70 0.72 -2.67
CA ILE D 144 39.55 1.38 -3.97
C ILE D 144 38.54 2.53 -3.85
N LEU D 145 37.43 2.30 -3.14
CA LEU D 145 36.38 3.31 -3.02
C LEU D 145 36.86 4.46 -2.16
N ARG D 146 37.54 4.17 -1.05
CA ARG D 146 38.07 5.23 -0.21
C ARG D 146 38.97 6.15 -1.03
N ASP D 147 39.82 5.56 -1.88
CA ASP D 147 40.76 6.31 -2.69
C ASP D 147 40.03 7.12 -3.77
N ALA D 148 39.06 6.49 -4.44
CA ALA D 148 38.30 7.14 -5.50
C ALA D 148 37.55 8.35 -4.97
N ILE D 149 36.96 8.21 -3.77
CA ILE D 149 36.21 9.29 -3.14
C ILE D 149 37.15 10.47 -2.87
N GLU D 150 38.37 10.20 -2.39
CA GLU D 150 39.33 11.27 -2.16
C GLU D 150 39.71 11.95 -3.48
N GLU D 151 39.92 11.17 -4.55
CA GLU D 151 40.20 11.75 -5.86
C GLU D 151 39.08 12.70 -6.27
N ALA D 152 37.82 12.27 -6.08
CA ALA D 152 36.66 13.05 -6.50
C ALA D 152 36.58 14.34 -5.69
N LYS D 153 36.85 14.23 -4.39
CA LYS D 153 36.84 15.39 -3.51
C LYS D 153 37.90 16.41 -3.94
N LYS D 154 39.08 15.93 -4.36
CA LYS D 154 40.17 16.82 -4.75
C LYS D 154 39.82 17.57 -6.03
N LYS D 155 39.03 16.93 -6.91
CA LYS D 155 38.62 17.55 -8.17
C LYS D 155 37.41 18.47 -7.97
N GLY D 156 36.81 18.47 -6.78
CA GLY D 156 35.72 19.37 -6.46
C GLY D 156 34.34 18.76 -6.71
N PHE D 157 34.26 17.43 -6.87
CA PHE D 157 32.97 16.76 -7.11
C PHE D 157 32.30 16.33 -5.80
N LEU D 158 33.00 16.44 -4.68
CA LEU D 158 32.44 16.22 -3.35
C LEU D 158 32.86 17.38 -2.44
N GLY D 159 32.23 17.46 -1.26
CA GLY D 159 32.50 18.51 -0.30
C GLY D 159 31.38 19.55 -0.33
N LYS D 160 31.75 20.80 0.00
CA LYS D 160 30.82 21.92 0.05
C LYS D 160 30.70 22.54 -1.34
N ASN D 161 29.49 23.03 -1.65
CA ASN D 161 29.25 23.86 -2.83
C ASN D 161 29.88 23.23 -4.07
N ILE D 162 29.45 21.99 -4.37
CA ILE D 162 29.99 21.21 -5.47
C ILE D 162 29.70 21.92 -6.79
N LEU D 163 30.77 22.21 -7.54
CA LEU D 163 30.72 22.87 -8.84
C LEU D 163 29.91 24.17 -8.80
N GLY D 164 29.95 24.87 -7.65
CA GLY D 164 29.28 26.16 -7.52
C GLY D 164 27.76 26.04 -7.42
N SER D 165 27.26 24.83 -7.15
CA SER D 165 25.84 24.53 -7.24
C SER D 165 25.11 24.88 -5.95
N GLY D 166 25.85 25.03 -4.84
CA GLY D 166 25.26 25.16 -3.52
C GLY D 166 24.92 23.81 -2.87
N PHE D 167 25.20 22.70 -3.57
CA PHE D 167 24.93 21.37 -3.04
C PHE D 167 26.17 20.83 -2.31
N ASP D 168 25.97 20.39 -1.06
CA ASP D 168 27.02 19.77 -0.26
C ASP D 168 26.80 18.26 -0.19
N LEU D 169 27.88 17.47 -0.28
CA LEU D 169 27.79 16.03 -0.09
C LEU D 169 29.11 15.48 0.42
N GLU D 170 29.03 14.59 1.42
CA GLU D 170 30.11 13.67 1.80
C GLU D 170 29.65 12.23 1.57
N ILE D 171 30.57 11.37 1.11
CA ILE D 171 30.29 9.94 0.98
C ILE D 171 31.18 9.17 1.96
N TYR D 172 30.53 8.42 2.87
CA TYR D 172 31.21 7.60 3.85
C TYR D 172 31.14 6.12 3.46
N VAL D 173 32.24 5.40 3.64
CA VAL D 173 32.28 3.98 3.32
C VAL D 173 32.28 3.18 4.62
N ALA D 174 31.25 2.34 4.79
CA ALA D 174 31.14 1.42 5.90
C ALA D 174 31.45 0.01 5.41
N ARG D 175 31.94 -0.85 6.32
CA ARG D 175 32.21 -2.23 5.98
C ARG D 175 31.30 -3.14 6.80
N GLY D 176 30.80 -4.19 6.14
CA GLY D 176 30.11 -5.27 6.83
C GLY D 176 31.12 -6.17 7.53
N ALA D 177 30.62 -7.25 8.12
CA ALA D 177 31.46 -8.13 8.92
C ALA D 177 30.94 -9.58 8.89
N GLY D 178 30.40 -10.01 7.74
CA GLY D 178 30.21 -11.43 7.46
C GLY D 178 28.76 -11.90 7.48
N ALA D 179 27.79 -10.98 7.45
CA ALA D 179 26.39 -11.35 7.52
C ALA D 179 25.65 -10.97 6.24
N TYR D 180 25.13 -11.97 5.53
CA TYR D 180 24.32 -11.76 4.34
C TYR D 180 23.09 -10.90 4.62
N ILE D 181 22.55 -11.03 5.84
CA ILE D 181 21.31 -10.32 6.18
C ILE D 181 21.53 -8.81 6.17
N CYS D 182 22.78 -8.33 6.26
CA CYS D 182 23.04 -6.91 6.23
C CYS D 182 22.80 -6.29 4.86
N GLY D 183 22.51 -7.12 3.86
CA GLY D 183 22.07 -6.62 2.56
C GLY D 183 20.59 -6.23 2.57
N GLU D 184 19.81 -6.72 3.54
CA GLU D 184 18.41 -6.33 3.68
C GLU D 184 18.38 -4.87 4.14
N GLU D 185 17.58 -4.04 3.48
CA GLU D 185 17.76 -2.60 3.59
C GLU D 185 17.65 -2.12 5.03
N THR D 186 16.72 -2.66 5.84
CA THR D 186 16.59 -2.17 7.21
C THR D 186 17.69 -2.73 8.11
N ALA D 187 18.17 -3.94 7.84
CA ALA D 187 19.29 -4.50 8.61
C ALA D 187 20.58 -3.73 8.30
N LEU D 188 20.74 -3.35 7.03
CA LEU D 188 21.87 -2.52 6.61
C LEU D 188 21.89 -1.23 7.43
N ILE D 189 20.75 -0.57 7.55
CA ILE D 189 20.66 0.68 8.28
C ILE D 189 21.00 0.46 9.76
N GLU D 190 20.47 -0.63 10.36
CA GLU D 190 20.80 -0.96 11.73
C GLU D 190 22.32 -1.06 11.88
N SER D 191 22.97 -1.74 10.94
CA SER D 191 24.41 -1.90 10.96
C SER D 191 25.11 -0.54 10.84
N LEU D 192 24.59 0.37 10.00
CA LEU D 192 25.15 1.71 9.85
C LEU D 192 25.03 2.52 11.12
N GLU D 193 24.01 2.21 11.94
CA GLU D 193 23.80 2.88 13.21
C GLU D 193 24.67 2.24 14.31
N GLY D 194 25.45 1.22 13.95
CA GLY D 194 26.43 0.64 14.87
C GLY D 194 25.82 -0.46 15.74
N LYS D 195 24.81 -1.15 15.19
CA LYS D 195 24.10 -2.20 15.91
C LYS D 195 24.22 -3.52 15.14
N ARG D 196 23.65 -4.57 15.73
CA ARG D 196 23.49 -5.83 15.05
C ARG D 196 22.56 -5.64 13.85
N GLY D 197 22.85 -6.34 12.75
CA GLY D 197 22.09 -6.26 11.52
C GLY D 197 20.82 -7.10 11.59
N HIS D 198 19.88 -6.68 12.44
CA HIS D 198 18.56 -7.28 12.52
C HIS D 198 17.58 -6.45 11.73
N PRO D 199 16.88 -7.01 10.70
CA PRO D 199 15.85 -6.28 10.00
C PRO D 199 14.83 -5.71 10.98
N ARG D 200 14.23 -4.59 10.55
CA ARG D 200 13.15 -3.93 11.28
C ARG D 200 11.81 -4.39 10.71
N LEU D 201 10.80 -4.38 11.59
CA LEU D 201 9.41 -4.53 11.16
C LEU D 201 9.07 -3.40 10.18
N LYS D 202 8.46 -3.77 9.05
CA LYS D 202 8.02 -2.79 8.07
C LYS D 202 6.53 -2.99 7.84
N PRO D 203 5.72 -1.94 7.59
CA PRO D 203 6.14 -0.53 7.66
C PRO D 203 6.53 -0.10 9.07
N PRO D 204 7.18 1.08 9.26
CA PRO D 204 7.56 1.97 8.16
C PRO D 204 8.73 1.46 7.33
N TYR D 205 8.83 1.96 6.09
CA TYR D 205 9.93 1.63 5.21
C TYR D 205 11.00 2.71 5.33
N PRO D 206 12.27 2.41 4.98
CA PRO D 206 13.35 3.40 5.04
C PRO D 206 13.06 4.73 4.35
N VAL D 207 12.37 4.71 3.20
CA VAL D 207 12.06 5.93 2.46
C VAL D 207 11.30 6.91 3.35
N GLN D 208 10.55 6.40 4.33
CA GLN D 208 9.89 7.26 5.30
C GLN D 208 10.74 7.41 6.57
N LYS D 209 11.09 6.29 7.20
CA LYS D 209 11.84 6.31 8.45
C LYS D 209 12.99 5.31 8.33
N GLY D 210 14.21 5.84 8.18
CA GLY D 210 15.36 5.02 7.85
C GLY D 210 16.51 5.28 8.81
N LEU D 211 17.63 5.77 8.28
CA LEU D 211 18.80 6.06 9.08
C LEU D 211 18.45 7.20 10.05
N TRP D 212 18.66 6.95 11.35
CA TRP D 212 18.29 7.86 12.43
C TRP D 212 16.81 8.25 12.34
N GLY D 213 15.97 7.37 11.78
CA GLY D 213 14.55 7.66 11.66
C GLY D 213 14.20 8.64 10.53
N LYS D 214 15.17 8.98 9.65
CA LYS D 214 14.94 9.97 8.61
C LYS D 214 14.72 9.31 7.25
N PRO D 215 14.07 10.01 6.29
CA PRO D 215 13.87 9.46 4.95
C PRO D 215 15.20 9.01 4.34
N THR D 216 15.26 7.75 3.93
CA THR D 216 16.51 7.15 3.49
C THR D 216 16.23 6.35 2.23
N VAL D 217 16.98 6.62 1.17
CA VAL D 217 16.94 5.80 -0.03
C VAL D 217 18.10 4.83 -0.01
N VAL D 218 17.78 3.53 -0.12
CA VAL D 218 18.78 2.50 -0.36
C VAL D 218 18.66 2.02 -1.81
N ASN D 219 19.79 2.04 -2.53
CA ASN D 219 19.85 1.50 -3.87
C ASN D 219 21.08 0.61 -4.03
N ASN D 220 20.93 -0.41 -4.87
CA ASN D 220 21.97 -1.35 -5.26
C ASN D 220 23.01 -0.66 -6.16
N VAL D 221 24.27 -1.10 -6.04
CA VAL D 221 25.39 -0.61 -6.83
C VAL D 221 25.01 -0.48 -8.31
N GLU D 222 24.51 -1.57 -8.87
CA GLU D 222 24.22 -1.64 -10.30
C GLU D 222 23.10 -0.66 -10.67
N THR D 223 22.07 -0.55 -9.82
CA THR D 223 21.04 0.46 -10.03
C THR D 223 21.67 1.85 -10.20
N ILE D 224 22.52 2.20 -9.24
CA ILE D 224 23.09 3.53 -9.16
C ILE D 224 23.97 3.80 -10.38
N ALA D 225 24.66 2.76 -10.86
CA ALA D 225 25.57 2.93 -11.97
C ALA D 225 24.81 3.28 -13.26
N ASN D 226 23.49 3.06 -13.30
CA ASN D 226 22.69 3.43 -14.46
C ASN D 226 22.46 4.95 -14.48
N VAL D 227 22.54 5.61 -13.33
CA VAL D 227 22.01 6.96 -13.22
C VAL D 227 22.82 7.93 -14.10
N PRO D 228 24.17 7.87 -14.12
CA PRO D 228 24.94 8.73 -15.03
C PRO D 228 24.54 8.61 -16.51
N PHE D 229 24.23 7.39 -16.96
CA PHE D 229 23.82 7.15 -18.34
C PHE D 229 22.46 7.80 -18.63
N ILE D 230 21.54 7.75 -17.66
CA ILE D 230 20.22 8.33 -17.85
C ILE D 230 20.35 9.84 -18.04
N ILE D 231 21.19 10.49 -17.24
CA ILE D 231 21.38 11.93 -17.34
C ILE D 231 22.14 12.25 -18.63
N SER D 232 23.19 11.48 -18.92
CA SER D 232 24.02 11.70 -20.10
C SER D 232 23.22 11.57 -21.39
N MET D 233 22.52 10.43 -21.56
CA MET D 233 21.83 10.14 -22.81
C MET D 233 20.46 10.82 -22.84
N GLY D 234 19.92 11.14 -21.67
CA GLY D 234 18.52 11.50 -21.53
C GLY D 234 17.66 10.24 -21.44
N TRP D 235 16.48 10.36 -20.84
CA TRP D 235 15.67 9.18 -20.55
C TRP D 235 15.14 8.54 -21.83
N GLU D 236 14.85 9.34 -22.86
CA GLU D 236 14.28 8.81 -24.09
C GLU D 236 15.26 7.85 -24.77
N GLU D 237 16.52 8.28 -24.90
CA GLU D 237 17.53 7.44 -25.56
C GLU D 237 17.80 6.19 -24.71
N TYR D 238 17.85 6.35 -23.39
CA TYR D 238 18.08 5.23 -22.50
C TYR D 238 17.02 4.15 -22.71
N ARG D 239 15.78 4.58 -22.93
CA ARG D 239 14.66 3.66 -23.14
C ARG D 239 14.71 2.91 -24.47
N TYR D 240 15.56 3.35 -25.40
CA TYR D 240 15.73 2.64 -26.66
C TYR D 240 16.75 1.51 -26.52
N ILE D 241 17.29 1.32 -25.32
CA ILE D 241 18.16 0.19 -25.01
C ILE D 241 17.28 -0.98 -24.58
N GLY D 242 17.32 -2.06 -25.38
CA GLY D 242 16.56 -3.27 -25.06
C GLY D 242 15.06 -3.08 -25.31
N PRO D 243 14.20 -3.96 -24.74
CA PRO D 243 12.74 -3.88 -24.95
C PRO D 243 12.12 -2.77 -24.11
N SER D 244 10.97 -2.26 -24.55
CA SER D 244 10.42 -1.03 -24.02
C SER D 244 10.12 -1.12 -22.51
N ASP D 245 9.51 -2.23 -22.08
CA ASP D 245 9.01 -2.31 -20.71
C ASP D 245 10.15 -2.48 -19.70
N TYR D 246 11.25 -3.12 -20.15
CA TYR D 246 12.39 -3.41 -19.30
C TYR D 246 13.64 -2.91 -20.01
N ALA D 247 13.88 -1.60 -19.92
CA ALA D 247 14.89 -0.94 -20.71
C ALA D 247 16.18 -0.83 -19.90
N GLY D 248 17.29 -0.69 -20.62
CA GLY D 248 18.56 -0.42 -19.99
C GLY D 248 19.47 -1.64 -20.01
N PRO D 249 20.77 -1.43 -19.76
CA PRO D 249 21.73 -2.53 -19.64
C PRO D 249 21.46 -3.31 -18.36
N LYS D 250 21.78 -4.61 -18.41
CA LYS D 250 21.74 -5.45 -17.23
C LYS D 250 22.99 -6.30 -17.18
N LEU D 251 23.55 -6.47 -15.97
CA LEU D 251 24.68 -7.36 -15.73
C LEU D 251 24.17 -8.74 -15.30
N PHE D 252 24.73 -9.79 -15.93
CA PHE D 252 24.41 -11.17 -15.63
C PHE D 252 25.69 -11.90 -15.22
N PRO D 253 25.84 -12.23 -13.91
CA PRO D 253 26.94 -13.07 -13.45
C PRO D 253 26.58 -14.52 -13.72
N VAL D 254 27.38 -15.16 -14.58
CA VAL D 254 27.14 -16.53 -15.01
C VAL D 254 28.26 -17.41 -14.45
N SER D 255 27.86 -18.50 -13.81
CA SER D 255 28.82 -19.37 -13.14
C SER D 255 28.35 -20.82 -13.26
N GLY D 256 29.12 -21.73 -12.67
CA GLY D 256 28.88 -23.16 -12.83
C GLY D 256 29.55 -23.69 -14.10
N LYS D 257 28.89 -24.65 -14.74
CA LYS D 257 29.52 -25.53 -15.72
C LYS D 257 29.39 -24.93 -17.11
N VAL D 258 29.85 -23.69 -17.30
CA VAL D 258 29.85 -23.06 -18.61
C VAL D 258 31.30 -22.86 -19.02
N LYS D 259 31.53 -22.68 -20.33
CA LYS D 259 32.87 -22.53 -20.87
C LYS D 259 33.47 -21.18 -20.47
N LYS D 260 32.64 -20.13 -20.42
CA LYS D 260 33.12 -18.78 -20.19
C LYS D 260 32.36 -18.14 -19.03
N PRO D 261 32.61 -18.58 -17.78
CA PRO D 261 31.95 -17.99 -16.61
C PRO D 261 32.45 -16.57 -16.44
N GLY D 262 31.53 -15.67 -16.06
CA GLY D 262 31.88 -14.28 -15.85
C GLY D 262 30.64 -13.39 -15.87
N VAL D 263 30.85 -12.08 -16.04
CA VAL D 263 29.78 -11.10 -16.05
C VAL D 263 29.55 -10.64 -17.49
N TYR D 264 28.28 -10.74 -17.93
CA TYR D 264 27.85 -10.31 -19.25
C TYR D 264 26.91 -9.13 -19.13
N GLU D 265 27.23 -8.04 -19.84
CA GLU D 265 26.33 -6.90 -19.95
C GLU D 265 25.50 -7.08 -21.22
N LEU D 266 24.19 -7.27 -21.03
CA LEU D 266 23.28 -7.62 -22.10
C LEU D 266 21.96 -6.89 -21.91
N PRO D 267 21.14 -6.72 -22.98
CA PRO D 267 19.78 -6.20 -22.84
C PRO D 267 18.88 -7.30 -22.31
N MET D 268 17.71 -6.92 -21.79
CA MET D 268 16.91 -7.84 -21.01
C MET D 268 15.96 -8.66 -21.89
N ASN D 269 16.03 -8.49 -23.21
CA ASN D 269 15.27 -9.32 -24.14
C ASN D 269 16.07 -10.57 -24.50
N THR D 270 17.33 -10.64 -24.06
CA THR D 270 18.11 -11.87 -24.17
C THR D 270 17.39 -12.98 -23.41
N THR D 271 17.47 -14.21 -23.92
CA THR D 271 16.89 -15.36 -23.23
C THR D 271 17.96 -16.06 -22.41
N LEU D 272 17.51 -16.86 -21.44
CA LEU D 272 18.40 -17.67 -20.62
C LEU D 272 19.24 -18.59 -21.50
N ARG D 273 18.62 -19.21 -22.51
CA ARG D 273 19.35 -20.09 -23.41
C ARG D 273 20.48 -19.33 -24.09
N GLU D 274 20.21 -18.10 -24.52
CA GLU D 274 21.20 -17.26 -25.17
C GLU D 274 22.34 -16.92 -24.23
N VAL D 275 22.02 -16.56 -22.98
CA VAL D 275 23.03 -16.24 -21.97
C VAL D 275 24.01 -17.40 -21.90
N ILE D 276 23.49 -18.62 -21.79
CA ILE D 276 24.31 -19.80 -21.54
C ILE D 276 25.07 -20.22 -22.79
N PHE D 277 24.38 -20.25 -23.95
CA PHE D 277 24.94 -20.88 -25.15
C PHE D 277 25.57 -19.85 -26.07
N LYS D 278 24.89 -18.72 -26.30
CA LYS D 278 25.38 -17.72 -27.23
C LYS D 278 26.53 -16.93 -26.61
N TYR D 279 26.46 -16.59 -25.32
CA TYR D 279 27.42 -15.68 -24.73
C TYR D 279 28.43 -16.41 -23.86
N ALA D 280 27.96 -17.32 -23.00
CA ALA D 280 28.86 -17.99 -22.06
C ALA D 280 29.52 -19.23 -22.67
N GLY D 281 29.22 -19.51 -23.94
CA GLY D 281 29.97 -20.49 -24.71
C GLY D 281 29.44 -21.91 -24.56
N GLY D 282 28.24 -22.05 -23.97
CA GLY D 282 27.67 -23.38 -23.73
C GLY D 282 28.31 -24.04 -22.50
N THR D 283 28.14 -25.36 -22.38
CA THR D 283 28.51 -26.08 -21.17
C THR D 283 29.88 -26.74 -21.33
N LEU D 284 30.56 -26.93 -20.20
CA LEU D 284 31.77 -27.72 -20.13
C LEU D 284 31.50 -29.14 -20.63
N GLY D 285 32.32 -29.61 -21.57
CA GLY D 285 32.19 -30.94 -22.14
C GLY D 285 30.92 -31.10 -22.98
N ASN D 286 30.28 -29.98 -23.33
CA ASN D 286 28.99 -29.97 -24.02
C ASN D 286 27.97 -30.89 -23.36
N LYS D 287 27.97 -30.95 -22.03
CA LYS D 287 26.99 -31.71 -21.28
C LYS D 287 25.65 -30.98 -21.34
N LYS D 288 24.55 -31.72 -21.16
CA LYS D 288 23.22 -31.13 -21.20
C LYS D 288 22.99 -30.31 -19.93
N VAL D 289 22.31 -29.17 -20.07
CA VAL D 289 21.92 -28.35 -18.94
C VAL D 289 20.79 -29.08 -18.20
N LYS D 290 20.94 -29.23 -16.88
CA LYS D 290 19.90 -29.86 -16.06
C LYS D 290 19.02 -28.78 -15.44
N ALA D 291 19.67 -27.79 -14.81
CA ALA D 291 18.95 -26.73 -14.14
C ALA D 291 19.81 -25.47 -14.09
N VAL D 292 19.13 -24.35 -13.86
CA VAL D 292 19.76 -23.09 -13.55
C VAL D 292 19.24 -22.62 -12.19
N PHE D 293 20.15 -22.30 -11.28
CA PHE D 293 19.79 -21.64 -10.04
C PHE D 293 19.93 -20.13 -10.24
N SER D 294 18.82 -19.42 -9.98
CA SER D 294 18.83 -17.98 -9.89
C SER D 294 19.30 -17.58 -8.51
N GLY D 295 20.61 -17.48 -8.33
CA GLY D 295 21.21 -17.36 -7.01
C GLY D 295 20.63 -18.44 -6.08
N ALA D 296 20.14 -18.01 -4.92
CA ALA D 296 19.54 -18.90 -3.95
C ALA D 296 18.03 -18.71 -3.91
N LEU D 297 17.44 -18.17 -4.99
CA LEU D 297 16.04 -17.79 -5.03
C LEU D 297 15.19 -18.82 -5.78
N ASP D 298 15.57 -19.15 -7.03
CA ASP D 298 14.73 -19.95 -7.91
C ASP D 298 15.55 -21.02 -8.61
N CYS D 299 14.85 -22.07 -9.05
CA CYS D 299 15.41 -23.15 -9.82
C CYS D 299 14.61 -23.30 -11.11
N PHE D 300 15.27 -23.09 -12.26
CA PHE D 300 14.67 -23.30 -13.56
C PHE D 300 15.21 -24.60 -14.15
N SER D 301 14.32 -25.39 -14.75
CA SER D 301 14.71 -26.62 -15.40
C SER D 301 15.17 -26.33 -16.83
N SER D 302 15.61 -27.38 -17.52
CA SER D 302 16.05 -27.28 -18.90
C SER D 302 14.86 -27.02 -19.84
N GLU D 303 13.62 -27.17 -19.35
CA GLU D 303 12.44 -26.90 -20.15
C GLU D 303 12.08 -25.41 -20.08
N GLU D 304 12.81 -24.62 -19.29
CA GLU D 304 12.49 -23.22 -19.08
C GLU D 304 13.62 -22.29 -19.52
N LEU D 305 14.39 -22.70 -20.53
CA LEU D 305 15.56 -21.94 -20.94
C LEU D 305 15.17 -20.81 -21.90
N ASP D 306 13.96 -20.84 -22.47
CA ASP D 306 13.58 -19.88 -23.49
C ASP D 306 12.84 -18.70 -22.89
N ILE D 307 13.09 -18.41 -21.61
CA ILE D 307 12.45 -17.28 -20.95
C ILE D 307 13.33 -16.05 -21.12
N PRO D 308 12.72 -14.85 -21.16
CA PRO D 308 13.49 -13.60 -21.17
C PRO D 308 14.12 -13.26 -19.82
N MET D 309 15.28 -12.59 -19.87
CA MET D 309 16.02 -12.18 -18.70
C MET D 309 15.52 -10.81 -18.23
N ASP D 310 14.22 -10.74 -17.95
CA ASP D 310 13.55 -9.49 -17.61
C ASP D 310 12.74 -9.66 -16.32
N TYR D 311 12.00 -8.61 -15.96
CA TYR D 311 11.19 -8.58 -14.75
C TYR D 311 9.75 -8.99 -15.02
N SER D 312 9.46 -9.55 -16.20
CA SER D 312 8.10 -9.95 -16.54
C SER D 312 7.67 -11.10 -15.64
N PRO D 313 6.34 -11.32 -15.45
CA PRO D 313 5.87 -12.47 -14.69
C PRO D 313 6.49 -13.82 -15.07
N LEU D 314 6.75 -14.04 -16.37
CA LEU D 314 7.31 -15.29 -16.84
C LEU D 314 8.81 -15.14 -17.15
N GLY D 315 9.41 -14.01 -16.76
CA GLY D 315 10.83 -13.78 -16.96
C GLY D 315 11.68 -14.44 -15.87
N PHE D 316 13.01 -14.30 -16.02
CA PHE D 316 13.98 -14.87 -15.11
C PHE D 316 13.92 -14.13 -13.77
N GLY D 317 13.94 -12.79 -13.83
CA GLY D 317 13.78 -11.96 -12.65
C GLY D 317 15.04 -12.01 -11.78
N GLY D 318 14.82 -12.00 -10.45
CA GLY D 318 15.90 -12.02 -9.48
C GLY D 318 16.89 -10.89 -9.74
N THR D 319 18.19 -11.22 -9.65
CA THR D 319 19.27 -10.26 -9.90
C THR D 319 19.96 -10.60 -11.23
N GLY D 320 19.42 -11.58 -11.96
CA GLY D 320 20.03 -12.04 -13.20
C GLY D 320 21.20 -12.99 -12.94
N THR D 321 21.29 -13.55 -11.72
CA THR D 321 22.33 -14.50 -11.37
C THR D 321 22.05 -15.85 -12.04
N VAL D 322 23.02 -16.38 -12.79
CA VAL D 322 22.83 -17.61 -13.54
C VAL D 322 23.87 -18.65 -13.12
N ILE D 323 23.46 -19.62 -12.28
CA ILE D 323 24.31 -20.74 -11.88
C ILE D 323 23.87 -21.98 -12.65
N VAL D 324 24.76 -22.54 -13.48
CA VAL D 324 24.40 -23.61 -14.39
C VAL D 324 24.83 -24.95 -13.80
N LEU D 325 23.88 -25.89 -13.73
CA LEU D 325 24.11 -27.27 -13.35
C LEU D 325 23.85 -28.17 -14.57
N THR D 326 24.74 -29.14 -14.80
CA THR D 326 24.61 -30.03 -15.94
C THR D 326 24.07 -31.38 -15.49
N GLU D 327 23.80 -32.25 -16.48
CA GLU D 327 23.19 -33.56 -16.27
C GLU D 327 23.90 -34.36 -15.18
N GLU D 328 25.18 -34.07 -14.92
CA GLU D 328 25.98 -34.86 -14.00
C GLU D 328 25.76 -34.42 -12.55
N ASP D 329 25.25 -33.20 -12.36
CA ASP D 329 25.25 -32.57 -11.05
C ASP D 329 24.04 -33.03 -10.24
N ASP D 330 24.29 -33.40 -8.98
CA ASP D 330 23.27 -33.95 -8.10
C ASP D 330 22.42 -32.80 -7.56
N ILE D 331 21.11 -32.82 -7.87
CA ILE D 331 20.21 -31.73 -7.51
C ILE D 331 20.00 -31.70 -6.00
N VAL D 332 20.00 -32.88 -5.35
CA VAL D 332 19.78 -32.96 -3.92
C VAL D 332 20.98 -32.35 -3.20
N GLU D 333 22.19 -32.68 -3.67
CA GLU D 333 23.40 -32.10 -3.12
C GLU D 333 23.38 -30.57 -3.27
N ALA D 334 22.88 -30.08 -4.41
CA ALA D 334 22.82 -28.65 -4.67
C ALA D 334 21.82 -28.02 -3.72
N ALA D 335 20.66 -28.65 -3.53
CA ALA D 335 19.64 -28.17 -2.62
C ALA D 335 20.20 -28.04 -1.20
N LEU D 336 21.00 -29.03 -0.78
CA LEU D 336 21.64 -29.00 0.53
C LEU D 336 22.53 -27.78 0.67
N LYS D 337 23.26 -27.42 -0.40
CA LYS D 337 24.11 -26.24 -0.38
C LYS D 337 23.29 -24.99 -0.10
N ILE D 338 22.13 -24.87 -0.76
CA ILE D 338 21.23 -23.75 -0.57
C ILE D 338 20.68 -23.76 0.86
N ALA D 339 20.30 -24.93 1.37
CA ALA D 339 19.78 -25.03 2.72
C ALA D 339 20.82 -24.57 3.74
N GLU D 340 22.09 -24.97 3.54
CA GLU D 340 23.19 -24.57 4.39
C GLU D 340 23.37 -23.06 4.40
N PHE D 341 23.16 -22.43 3.23
CA PHE D 341 23.26 -20.98 3.13
C PHE D 341 22.23 -20.32 4.06
N TYR D 342 20.95 -20.68 3.92
CA TYR D 342 19.90 -20.07 4.73
C TYR D 342 20.14 -20.36 6.21
N GLU D 343 20.56 -21.59 6.54
CA GLU D 343 20.89 -21.98 7.91
C GLU D 343 21.92 -21.00 8.48
N HIS D 344 22.93 -20.66 7.68
CA HIS D 344 24.03 -19.83 8.15
C HIS D 344 23.63 -18.36 8.29
N GLU D 345 22.60 -17.91 7.55
CA GLU D 345 22.38 -16.47 7.41
C GLU D 345 21.14 -15.94 8.14
N THR D 346 20.16 -16.80 8.49
CA THR D 346 19.02 -16.31 9.29
C THR D 346 19.52 -15.59 10.53
N CYS D 347 18.94 -14.43 10.84
CA CYS D 347 19.36 -13.64 11.98
C CYS D 347 18.70 -14.15 13.26
N GLY D 348 17.66 -14.98 13.12
CA GLY D 348 17.09 -15.72 14.25
C GLY D 348 15.99 -14.95 15.01
N GLN D 349 15.67 -13.72 14.59
CA GLN D 349 14.69 -12.91 15.32
C GLN D 349 13.30 -13.53 15.31
N CYS D 350 12.92 -14.12 14.17
CA CYS D 350 11.60 -14.71 13.99
C CYS D 350 11.69 -16.22 14.21
N THR D 351 10.72 -16.80 14.91
CA THR D 351 10.86 -18.18 15.36
C THR D 351 10.81 -19.15 14.17
N PRO D 352 9.83 -19.09 13.24
CA PRO D 352 9.76 -20.07 12.16
C PRO D 352 10.95 -19.99 11.21
N CYS D 353 11.53 -18.80 11.04
CA CYS D 353 12.73 -18.65 10.22
C CYS D 353 13.93 -19.24 10.95
N ARG D 354 14.08 -18.89 12.23
CA ARG D 354 15.19 -19.39 13.04
C ARG D 354 15.23 -20.91 12.99
N VAL D 355 14.10 -21.56 13.34
CA VAL D 355 14.09 -23.00 13.51
C VAL D 355 13.97 -23.68 12.14
N GLY D 356 13.20 -23.07 11.24
CA GLY D 356 12.95 -23.63 9.92
C GLY D 356 14.23 -23.70 9.08
N CYS D 357 15.04 -22.62 9.08
CA CYS D 357 16.29 -22.64 8.32
C CYS D 357 17.23 -23.71 8.87
N TYR D 358 17.26 -23.82 10.20
CA TYR D 358 18.11 -24.81 10.85
C TYR D 358 17.64 -26.22 10.50
N GLU D 359 16.35 -26.49 10.69
CA GLU D 359 15.81 -27.84 10.52
C GLU D 359 15.84 -28.26 9.05
N GLN D 360 15.58 -27.33 8.15
CA GLN D 360 15.63 -27.61 6.72
C GLN D 360 17.00 -28.16 6.36
N ALA D 361 18.08 -27.51 6.84
CA ALA D 361 19.43 -27.94 6.51
C ALA D 361 19.79 -29.24 7.24
N ASN D 362 19.40 -29.34 8.52
CA ASN D 362 19.66 -30.50 9.37
CA ASN D 362 19.79 -30.52 9.28
C ASN D 362 19.08 -31.76 8.74
N LEU D 363 17.79 -31.67 8.41
CA LEU D 363 17.06 -32.80 7.85
C LEU D 363 17.57 -33.14 6.45
N LEU D 364 17.80 -32.12 5.62
CA LEU D 364 18.26 -32.35 4.26
C LEU D 364 19.63 -33.05 4.30
N GLU D 365 20.48 -32.68 5.25
CA GLU D 365 21.76 -33.37 5.42
C GLU D 365 21.51 -34.86 5.68
N LYS D 366 20.61 -35.19 6.62
CA LYS D 366 20.27 -36.57 6.92
C LYS D 366 19.78 -37.29 5.66
N ILE D 367 18.93 -36.61 4.86
CA ILE D 367 18.40 -37.20 3.64
C ILE D 367 19.55 -37.52 2.68
N TYR D 368 20.47 -36.56 2.56
CA TYR D 368 21.56 -36.67 1.61
C TYR D 368 22.49 -37.82 1.98
N LYS D 369 22.72 -38.03 3.28
CA LYS D 369 23.59 -39.08 3.76
C LYS D 369 22.91 -40.45 3.84
N GLY D 370 21.61 -40.52 3.56
CA GLY D 370 20.88 -41.79 3.63
C GLY D 370 20.53 -42.19 5.08
N GLU D 371 20.48 -41.22 5.99
CA GLU D 371 20.24 -41.47 7.41
C GLU D 371 18.86 -41.01 7.85
N ALA D 372 18.01 -40.53 6.93
CA ALA D 372 16.73 -39.95 7.28
C ALA D 372 15.70 -41.05 7.55
N THR D 373 14.91 -40.88 8.63
CA THR D 373 13.77 -41.74 8.90
C THR D 373 12.62 -41.24 8.03
N GLU D 374 11.53 -42.01 8.00
CA GLU D 374 10.32 -41.59 7.32
C GLU D 374 9.78 -40.31 7.95
N GLN D 375 9.86 -40.21 9.29
CA GLN D 375 9.38 -39.03 9.98
C GLN D 375 10.23 -37.82 9.61
N ASP D 376 11.52 -38.03 9.30
CA ASP D 376 12.41 -36.95 8.92
C ASP D 376 12.00 -36.40 7.54
N TRP D 377 11.61 -37.28 6.62
CA TRP D 377 11.10 -36.87 5.31
C TRP D 377 9.83 -36.03 5.44
N GLU D 378 8.90 -36.49 6.30
CA GLU D 378 7.68 -35.77 6.55
C GLU D 378 7.97 -34.42 7.21
N GLY D 379 8.90 -34.43 8.16
CA GLY D 379 9.30 -33.22 8.86
C GLY D 379 9.94 -32.21 7.92
N PHE D 380 10.82 -32.72 7.03
CA PHE D 380 11.51 -31.91 6.04
C PHE D 380 10.48 -31.17 5.18
N ASP D 381 9.47 -31.90 4.71
CA ASP D 381 8.45 -31.31 3.87
C ASP D 381 7.71 -30.19 4.64
N PHE D 382 7.36 -30.48 5.89
CA PHE D 382 6.61 -29.52 6.69
C PHE D 382 7.46 -28.26 6.92
N VAL D 383 8.71 -28.44 7.33
CA VAL D 383 9.58 -27.34 7.67
C VAL D 383 9.78 -26.46 6.43
N ASN D 384 9.96 -27.10 5.26
CA ASN D 384 10.19 -26.37 4.02
C ASN D 384 9.03 -25.42 3.71
N ARG D 385 7.80 -25.83 4.04
CA ARG D 385 6.61 -25.03 3.79
C ARG D 385 6.27 -24.04 4.91
N ASN D 386 7.08 -23.99 5.99
CA ASN D 386 6.71 -23.24 7.18
C ASN D 386 7.87 -22.43 7.74
N ILE D 387 8.72 -21.89 6.86
CA ILE D 387 9.78 -20.99 7.29
C ILE D 387 9.25 -19.56 7.35
N GLN D 388 8.31 -19.24 6.46
CA GLN D 388 7.87 -17.87 6.21
C GLN D 388 6.97 -17.31 7.33
N PRO D 389 6.08 -18.08 8.00
CA PRO D 389 5.14 -17.47 8.94
C PRO D 389 5.75 -16.53 9.97
N THR D 390 5.16 -15.33 10.12
CA THR D 390 5.55 -14.29 11.04
C THR D 390 6.83 -13.57 10.59
N SER D 391 7.45 -13.99 9.48
CA SER D 391 8.73 -13.43 9.07
C SER D 391 8.59 -11.92 8.84
N ILE D 392 9.62 -11.15 9.24
CA ILE D 392 9.56 -9.71 9.04
C ILE D 392 10.55 -9.23 7.97
N CYS D 393 11.26 -10.15 7.29
CA CYS D 393 12.04 -9.78 6.12
C CYS D 393 11.93 -10.86 5.05
N GLY D 394 12.47 -10.57 3.87
CA GLY D 394 12.38 -11.43 2.71
C GLY D 394 13.10 -12.78 2.86
N LEU D 395 14.08 -12.89 3.78
CA LEU D 395 14.84 -14.13 3.91
C LEU D 395 13.92 -15.28 4.30
N GLY D 396 13.13 -15.08 5.36
CA GLY D 396 12.15 -16.08 5.77
C GLY D 396 11.18 -16.44 4.63
N ALA D 397 10.81 -15.44 3.82
CA ALA D 397 9.84 -15.65 2.74
C ALA D 397 10.38 -16.55 1.63
N VAL D 398 11.70 -16.65 1.45
CA VAL D 398 12.23 -17.37 0.30
C VAL D 398 13.18 -18.51 0.67
N ALA D 399 13.51 -18.72 1.94
CA ALA D 399 14.48 -19.74 2.33
C ALA D 399 14.09 -21.15 1.90
N GLY D 400 12.79 -21.41 1.65
CA GLY D 400 12.31 -22.70 1.19
C GLY D 400 11.92 -22.74 -0.28
N ARG D 401 12.04 -21.60 -0.99
CA ARG D 401 11.46 -21.46 -2.32
C ARG D 401 12.18 -22.35 -3.33
N LEU D 402 13.50 -22.16 -3.45
CA LEU D 402 14.29 -22.86 -4.45
C LEU D 402 14.18 -24.37 -4.22
N ILE D 403 14.31 -24.77 -2.95
CA ILE D 403 14.29 -26.18 -2.60
C ILE D 403 12.94 -26.79 -2.99
N ARG D 404 11.84 -26.06 -2.74
CA ARG D 404 10.53 -26.55 -3.09
C ARG D 404 10.43 -26.74 -4.60
N GLN D 405 11.03 -25.82 -5.37
CA GLN D 405 11.01 -25.92 -6.82
C GLN D 405 11.75 -27.18 -7.28
N THR D 406 12.84 -27.56 -6.60
CA THR D 406 13.59 -28.77 -6.97
C THR D 406 12.76 -30.01 -6.69
N LEU D 407 11.94 -29.97 -5.61
CA LEU D 407 11.08 -31.09 -5.27
C LEU D 407 10.03 -31.28 -6.37
N GLU D 408 9.55 -30.16 -6.90
CA GLU D 408 8.49 -30.15 -7.89
C GLU D 408 9.03 -30.48 -9.30
N LYS D 409 10.28 -30.10 -9.60
CA LYS D 409 10.77 -30.17 -10.97
C LYS D 409 11.67 -31.40 -11.18
N PHE D 410 12.25 -31.94 -10.10
CA PHE D 410 13.11 -33.12 -10.20
C PHE D 410 12.67 -34.19 -9.20
N PRO D 411 11.39 -34.63 -9.22
CA PRO D 411 10.90 -35.63 -8.26
C PRO D 411 11.67 -36.95 -8.32
N GLU D 412 12.13 -37.32 -9.53
CA GLU D 412 12.83 -38.56 -9.78
C GLU D 412 14.11 -38.64 -8.97
N GLU D 413 14.85 -37.52 -8.89
CA GLU D 413 16.11 -37.48 -8.18
C GLU D 413 15.90 -37.56 -6.67
N TRP D 414 14.91 -36.83 -6.16
CA TRP D 414 14.56 -36.92 -4.76
C TRP D 414 14.11 -38.33 -4.40
N GLU D 415 13.32 -38.94 -5.29
CA GLU D 415 12.85 -40.31 -5.13
C GLU D 415 14.01 -41.27 -4.85
N LYS D 416 15.11 -41.11 -5.58
CA LYS D 416 16.26 -42.00 -5.42
C LYS D 416 16.82 -41.93 -4.00
N TYR D 417 16.74 -40.76 -3.35
CA TYR D 417 17.25 -40.61 -1.99
C TYR D 417 16.26 -41.19 -0.97
N ARG D 418 14.96 -41.10 -1.28
CA ARG D 418 13.93 -41.64 -0.41
C ARG D 418 14.15 -43.14 -0.26
N LYS D 419 14.28 -43.81 -1.41
CA LYS D 419 14.80 -45.17 -1.46
C LYS D 419 16.33 -45.10 -1.26
FE1 FES E . -31.35 19.22 6.40
FE2 FES E . -29.14 17.71 6.01
S1 FES E . -30.52 18.51 4.47
S2 FES E . -29.89 18.58 7.92
NA NA F . -42.51 34.23 6.94
S SO4 G . -35.34 -17.56 -7.40
O1 SO4 G . -34.67 -17.17 -6.19
O2 SO4 G . -34.42 -17.44 -8.51
O3 SO4 G . -35.78 -18.93 -7.28
O4 SO4 G . -36.47 -16.71 -7.64
N1 FMN H . -22.05 3.21 4.03
C2 FMN H . -22.26 3.93 2.91
O2 FMN H . -21.57 3.78 1.90
N3 FMN H . -23.35 4.77 2.87
C4 FMN H . -24.31 4.91 3.85
O4 FMN H . -25.27 5.66 3.69
C4A FMN H . -24.07 4.09 5.02
N5 FMN H . -24.96 4.11 5.99
C5A FMN H . -24.74 3.28 7.09
C6 FMN H . -25.69 3.23 8.12
C7 FMN H . -25.50 2.43 9.23
C7M FMN H . -26.53 2.46 10.34
C8 FMN H . -24.36 1.63 9.32
C8M FMN H . -24.09 0.78 10.54
C9 FMN H . -23.42 1.67 8.31
C9A FMN H . -23.59 2.49 7.19
N10 FMN H . -22.67 2.52 6.13
C10 FMN H . -22.91 3.30 5.03
C1' FMN H . -21.50 1.66 6.09
C2' FMN H . -21.76 0.37 5.33
O2' FMN H . -22.30 -0.63 6.19
C3' FMN H . -20.48 -0.16 4.70
O3' FMN H . -19.49 -0.16 5.71
C4' FMN H . -19.94 0.59 3.48
O4' FMN H . -20.96 0.84 2.51
C5' FMN H . -18.84 -0.23 2.86
O5' FMN H . -18.14 0.53 1.87
P FMN H . -16.70 1.16 2.07
O1P FMN H . -15.74 0.05 2.52
O2P FMN H . -16.85 2.30 3.10
O3P FMN H . -16.35 1.64 0.69
FE1 SF4 I . -31.85 -2.56 13.83
FE2 SF4 I . -30.71 -1.16 15.96
FE3 SF4 I . -29.15 -2.21 13.95
FE4 SF4 I . -30.47 -3.83 15.78
S1 SF4 I . -28.78 -2.34 16.22
S2 SF4 I . -30.29 -4.18 13.52
S3 SF4 I . -32.41 -2.69 16.06
S4 SF4 I . -30.73 -0.56 13.75
NA NA J . 2.67 13.36 -0.38
FE1 FES K . 32.13 -19.70 -3.91
FE2 FES K . 30.41 -17.85 -4.85
S1 FES K . 32.58 -17.62 -4.51
S2 FES K . 30.02 -19.99 -4.46
S SO4 L . 23.27 11.43 18.89
O1 SO4 L . 24.06 10.53 19.70
O2 SO4 L . 24.12 12.10 17.95
O3 SO4 L . 22.26 10.69 18.18
O4 SO4 L . 22.63 12.40 19.74
N1 FMN M . 20.13 -5.68 -2.12
C2 FMN M . 21.38 -5.35 -2.55
O2 FMN M . 21.58 -4.30 -3.22
N3 FMN M . 22.46 -6.14 -2.21
C4 FMN M . 22.41 -7.25 -1.37
O4 FMN M . 23.43 -7.87 -1.12
C4A FMN M . 21.08 -7.56 -0.89
N5 FMN M . 20.95 -8.55 -0.03
C5A FMN M . 19.67 -8.80 0.48
C6 FMN M . 19.50 -9.81 1.43
C7 FMN M . 18.24 -10.10 1.96
C7M FMN M . 18.10 -11.24 2.94
C8 FMN M . 17.13 -9.36 1.53
C8M FMN M . 15.73 -9.69 2.00
C9 FMN M . 17.30 -8.34 0.61
C9A FMN M . 18.55 -8.06 0.07
N10 FMN M . 18.75 -7.01 -0.86
C10 FMN M . 20.01 -6.74 -1.34
C1' FMN M . 17.67 -6.12 -1.32
C2' FMN M . 17.59 -4.84 -0.50
O2' FMN M . 16.81 -5.05 0.67
C3' FMN M . 16.94 -3.70 -1.28
O3' FMN M . 15.79 -4.17 -1.96
C4' FMN M . 17.83 -3.08 -2.37
O4' FMN M . 19.15 -2.90 -1.86
C5' FMN M . 17.24 -1.78 -2.86
O5' FMN M . 17.97 -1.38 -4.01
P FMN M . 17.39 -1.42 -5.50
O1P FMN M . 15.97 -0.76 -5.48
O2P FMN M . 17.43 -2.88 -5.98
O3P FMN M . 18.40 -0.57 -6.28
FE1 SF4 N . 15.82 -12.57 10.60
FE2 SF4 N . 14.64 -14.60 9.19
FE3 SF4 N . 14.48 -12.02 8.31
FE4 SF4 N . 13.15 -12.83 10.59
S1 SF4 N . 12.79 -13.54 8.41
S2 SF4 N . 14.30 -10.88 10.30
S3 SF4 N . 14.65 -14.32 11.48
S4 SF4 N . 16.39 -13.32 8.52
#